data_3QG6
#
_entry.id   3QG6
#
_cell.length_a   68.360
_cell.length_b   98.498
_cell.length_c   73.670
_cell.angle_alpha   90.00
_cell.angle_beta   114.03
_cell.angle_gamma   90.00
#
_symmetry.space_group_name_H-M   'P 1 21 1'
#
loop_
_entity.id
_entity.type
_entity.pdbx_description
1 polymer 'AP4-24H11 Light Chain'
2 polymer 'AP4-24H11 Heavy Chain'
3 polymer 'Agr autoinducing peptide'
4 non-polymer 'ZINC ION'
5 non-polymer 'SODIUM ION'
6 water water
#
loop_
_entity_poly.entity_id
_entity_poly.type
_entity_poly.pdbx_seq_one_letter_code
_entity_poly.pdbx_strand_id
1 'polypeptide(L)'
;DVVLTQTPLSLPVSLGDQASISCRSSQRLVHSNGNIYLHWFLQKPGQSPKLLIYKLSSRFSGVPDRFSGSGSGTDFTLKI
SRVESEDLGIYYCSQTTHVPYTFGGGTKLEIKRADAAPTVSIFPPSSEQLTSGGASVVCFLNNFYPKDINVKWKIDGSER
QNGVLNSWTDQDSKDSTYSMSSTLTLTKDEYERHNSYTCEATHKTSTSPIVKSFNRNE
;
A,L
2 'polypeptide(L)'
;DVQLQESGPGLVKPSQSLSLTCTVTGYSITSNYAWNWIRQFPGNKLEWMGFISSYGTTTYNPSLKSRFSITRDTSKNQFF
LQLHSVTIEDTGTYFCTREGDYWGQGTTLTVSSAKTTAPSVYPLAPVCGDTTGSSVTLGCLVKGYFPEPVTLTWNSGSLS
SGVHTFPAVLQSDLYTLSSSVTVTSSTWPSQSITCNVAHPASSTKVDKKIEPS
;
B,H
3 'polypeptide(L)' YSTCYFIM C,D
#
# COMPACT_ATOMS: atom_id res chain seq x y z
N ASP A 1 -3.58 -2.43 -30.87
CA ASP A 1 -4.96 -1.89 -30.78
C ASP A 1 -4.93 -0.39 -30.58
N VAL A 2 -6.09 0.25 -30.68
CA VAL A 2 -6.21 1.70 -30.49
C VAL A 2 -6.40 2.01 -29.00
N VAL A 3 -5.50 2.82 -28.44
CA VAL A 3 -5.58 3.21 -27.04
C VAL A 3 -6.27 4.58 -26.92
N LEU A 4 -7.31 4.65 -26.10
CA LEU A 4 -8.04 5.90 -25.88
C LEU A 4 -7.77 6.40 -24.47
N THR A 5 -7.22 7.61 -24.37
CA THR A 5 -6.84 8.18 -23.09
C THR A 5 -7.69 9.38 -22.73
N GLN A 6 -8.41 9.28 -21.62
CA GLN A 6 -9.28 10.36 -21.15
C GLN A 6 -8.59 11.28 -20.16
N THR A 7 -8.94 12.56 -20.27
CA THR A 7 -8.46 13.63 -19.40
C THR A 7 -9.64 14.55 -19.12
N PRO A 8 -9.89 14.89 -17.84
CA PRO A 8 -9.20 14.42 -16.64
C PRO A 8 -9.78 13.08 -16.20
N LEU A 9 -9.27 12.46 -15.14
CA LEU A 9 -9.90 11.25 -14.61
C LEU A 9 -11.14 11.61 -13.79
N SER A 10 -11.08 12.75 -13.11
CA SER A 10 -12.18 13.26 -12.28
C SER A 10 -12.42 14.74 -12.62
N LEU A 11 -13.67 15.12 -12.91
CA LEU A 11 -14.00 16.51 -13.26
C LEU A 11 -14.99 17.16 -12.29
N PRO A 12 -14.48 17.93 -11.30
CA PRO A 12 -15.38 18.61 -10.37
C PRO A 12 -15.98 19.87 -10.98
N VAL A 13 -17.31 19.86 -11.09
CA VAL A 13 -18.10 20.93 -11.70
C VAL A 13 -19.21 21.41 -10.74
N SER A 14 -19.64 22.67 -10.92
CA SER A 14 -20.80 23.23 -10.19
C SER A 14 -22.00 23.21 -11.14
N LEU A 15 -23.20 22.93 -10.61
CA LEU A 15 -24.40 22.86 -11.46
C LEU A 15 -24.62 24.21 -12.11
N GLY A 16 -24.89 24.19 -13.42
CA GLY A 16 -25.08 25.40 -14.22
C GLY A 16 -23.86 25.78 -15.05
N ASP A 17 -22.69 25.29 -14.63
CA ASP A 17 -21.44 25.59 -15.31
C ASP A 17 -21.19 24.71 -16.53
N GLN A 18 -20.22 25.14 -17.32
CA GLN A 18 -19.76 24.47 -18.52
C GLN A 18 -18.72 23.44 -18.12
N ALA A 19 -18.70 22.30 -18.82
CA ALA A 19 -17.73 21.23 -18.58
C ALA A 19 -17.22 20.67 -19.91
N SER A 20 -15.94 20.28 -19.93
CA SER A 20 -15.32 19.77 -21.15
C SER A 20 -14.38 18.61 -20.83
N ILE A 21 -14.59 17.47 -21.51
CA ILE A 21 -13.82 16.22 -21.34
C ILE A 21 -13.05 15.95 -22.62
N SER A 22 -11.78 15.59 -22.49
CA SER A 22 -10.94 15.32 -23.65
C SER A 22 -10.62 13.84 -23.78
N CYS A 23 -10.42 13.40 -25.01
CA CYS A 23 -10.07 12.01 -25.32
C CYS A 23 -8.94 12.03 -26.35
N ARG A 24 -7.83 11.37 -26.04
CA ARG A 24 -6.69 11.28 -26.96
C ARG A 24 -6.58 9.86 -27.51
N SER A 25 -6.56 9.76 -28.84
CA SER A 25 -6.43 8.47 -29.53
C SER A 25 -4.98 8.19 -29.94
N SER A 26 -4.59 6.91 -29.94
CA SER A 26 -3.24 6.49 -30.37
C SER A 26 -3.16 6.42 -31.90
N GLN A 27 -4.31 6.40 -32.56
CA GLN A 27 -4.44 6.32 -34.01
C GLN A 27 -5.52 7.27 -34.54
N ARG A 28 -5.47 7.55 -35.84
CA ARG A 28 -6.51 8.31 -36.52
C ARG A 28 -7.70 7.40 -36.65
N LEU A 29 -8.89 7.97 -36.50
CA LEU A 29 -10.12 7.20 -36.46
C LEU A 29 -11.03 7.43 -37.66
N VAL A 30 -10.43 7.80 -38.81
CA VAL A 30 -11.19 7.98 -40.05
C VAL A 30 -11.36 6.64 -40.78
N HIS A 31 -12.60 6.20 -40.89
CA HIS A 31 -12.94 4.96 -41.59
C HIS A 31 -12.83 5.14 -43.11
N SER A 32 -12.77 4.02 -43.84
CA SER A 32 -12.78 4.00 -45.30
C SER A 32 -13.91 4.83 -45.89
N ASN A 33 -15.11 4.75 -45.29
CA ASN A 33 -16.27 5.52 -45.76
C ASN A 33 -16.20 7.05 -45.50
N GLY A 34 -15.23 7.49 -44.70
CA GLY A 34 -15.00 8.91 -44.43
C GLY A 34 -15.46 9.36 -43.06
N ASN A 35 -16.22 8.51 -42.38
CA ASN A 35 -16.74 8.80 -41.04
C ASN A 35 -15.71 8.55 -39.96
N ILE A 36 -15.84 9.30 -38.86
CA ILE A 36 -15.03 9.09 -37.66
C ILE A 36 -15.88 8.43 -36.58
N TYR A 37 -15.70 7.14 -36.37
CA TYR A 37 -16.47 6.39 -35.40
C TYR A 37 -15.89 6.58 -33.99
N LEU A 38 -15.93 7.82 -33.49
CA LEU A 38 -15.58 8.18 -32.11
C LEU A 38 -16.90 8.57 -31.45
N HIS A 39 -17.25 7.87 -30.38
CA HIS A 39 -18.54 8.07 -29.70
C HIS A 39 -18.33 8.38 -28.21
N TRP A 40 -19.38 8.92 -27.57
CA TRP A 40 -19.36 9.19 -26.14
C TRP A 40 -20.57 8.54 -25.46
N PHE A 41 -20.31 7.84 -24.36
CA PHE A 41 -21.34 7.20 -23.54
C PHE A 41 -21.33 7.81 -22.13
N LEU A 42 -22.47 7.75 -21.46
CA LEU A 42 -22.62 8.18 -20.07
C LEU A 42 -23.20 7.02 -19.26
N GLN A 43 -22.54 6.70 -18.16
CA GLN A 43 -22.97 5.65 -17.25
C GLN A 43 -23.31 6.29 -15.91
N LYS A 44 -24.57 6.21 -15.53
CA LYS A 44 -25.03 6.73 -14.24
C LYS A 44 -24.93 5.57 -13.24
N PRO A 45 -24.81 5.85 -11.94
CA PRO A 45 -24.64 4.73 -11.00
C PRO A 45 -25.78 3.69 -11.05
N GLY A 46 -25.41 2.42 -10.98
CA GLY A 46 -26.35 1.29 -11.01
C GLY A 46 -26.97 0.99 -12.37
N GLN A 47 -26.54 1.73 -13.40
CA GLN A 47 -27.09 1.61 -14.74
C GLN A 47 -26.00 1.19 -15.74
N SER A 48 -26.44 0.92 -16.97
CA SER A 48 -25.57 0.55 -18.09
C SER A 48 -25.13 1.82 -18.81
N PRO A 49 -24.03 1.78 -19.58
CA PRO A 49 -23.67 2.99 -20.34
C PRO A 49 -24.77 3.35 -21.34
N LYS A 50 -24.97 4.64 -21.58
CA LYS A 50 -25.97 5.12 -22.55
C LYS A 50 -25.29 6.01 -23.58
N LEU A 51 -25.66 5.87 -24.85
CA LEU A 51 -25.00 6.61 -25.93
C LEU A 51 -25.46 8.07 -25.94
N LEU A 52 -24.50 8.99 -25.91
CA LEU A 52 -24.78 10.42 -25.97
C LEU A 52 -24.47 10.94 -27.36
N ILE A 53 -23.19 10.92 -27.71
CA ILE A 53 -22.74 11.36 -29.03
C ILE A 53 -22.13 10.20 -29.79
N TYR A 54 -22.27 10.23 -31.12
CA TYR A 54 -21.80 9.15 -31.97
C TYR A 54 -21.30 9.68 -33.31
N LYS A 55 -20.42 8.93 -33.96
CA LYS A 55 -19.76 9.37 -35.19
C LYS A 55 -19.28 10.81 -35.02
N LEU A 56 -18.55 11.04 -33.90
CA LEU A 56 -17.90 12.29 -33.51
C LEU A 56 -18.82 13.42 -33.01
N SER A 57 -19.84 13.78 -33.78
CA SER A 57 -20.63 14.95 -33.42
C SER A 57 -22.16 14.78 -33.44
N SER A 58 -22.65 13.58 -33.76
CA SER A 58 -24.12 13.37 -33.79
C SER A 58 -24.69 13.09 -32.39
N ARG A 59 -25.73 13.83 -32.03
CA ARG A 59 -26.44 13.60 -30.76
C ARG A 59 -27.39 12.45 -30.95
N PHE A 60 -27.36 11.48 -30.02
CA PHE A 60 -28.28 10.33 -30.06
C PHE A 60 -29.69 10.80 -29.67
N SER A 61 -30.70 10.04 -30.07
CA SER A 61 -32.10 10.35 -29.82
C SER A 61 -32.37 10.58 -28.33
N GLY A 62 -32.99 11.72 -28.03
CA GLY A 62 -33.33 12.09 -26.66
C GLY A 62 -32.26 12.91 -25.95
N VAL A 63 -31.06 12.99 -26.53
CA VAL A 63 -29.94 13.70 -25.91
C VAL A 63 -30.05 15.21 -26.17
N PRO A 64 -30.11 16.03 -25.10
CA PRO A 64 -30.26 17.48 -25.30
C PRO A 64 -29.07 18.17 -25.94
N ASP A 65 -29.33 19.34 -26.55
CA ASP A 65 -28.34 20.13 -27.30
C ASP A 65 -27.18 20.72 -26.48
N ARG A 66 -27.28 20.59 -25.15
CA ARG A 66 -26.21 21.01 -24.23
C ARG A 66 -24.95 20.15 -24.41
N PHE A 67 -25.12 18.92 -24.92
CA PHE A 67 -24.00 18.02 -25.19
C PHE A 67 -23.56 18.19 -26.64
N SER A 68 -22.27 18.37 -26.86
CA SER A 68 -21.72 18.44 -28.21
C SER A 68 -20.37 17.77 -28.25
N GLY A 69 -20.11 17.07 -29.35
CA GLY A 69 -18.87 16.36 -29.58
C GLY A 69 -18.08 17.03 -30.68
N SER A 70 -16.78 17.15 -30.45
CA SER A 70 -15.86 17.80 -31.39
C SER A 70 -14.58 17.00 -31.47
N GLY A 71 -13.78 17.31 -32.48
CA GLY A 71 -12.51 16.63 -32.66
C GLY A 71 -12.03 16.43 -34.08
N SER A 72 -10.76 16.12 -34.19
CA SER A 72 -10.07 15.86 -35.43
C SER A 72 -8.78 15.12 -35.09
N GLY A 73 -8.39 14.19 -35.96
CA GLY A 73 -7.12 13.49 -35.85
C GLY A 73 -7.03 12.53 -34.68
N THR A 74 -6.31 12.93 -33.64
CA THR A 74 -6.17 12.13 -32.43
C THR A 74 -6.76 12.80 -31.18
N ASP A 75 -7.16 14.07 -31.29
CA ASP A 75 -7.71 14.87 -30.19
C ASP A 75 -9.22 15.11 -30.36
N PHE A 76 -10.00 14.55 -29.44
CA PHE A 76 -11.47 14.62 -29.46
C PHE A 76 -11.95 15.21 -28.14
N THR A 77 -13.08 15.90 -28.18
CA THR A 77 -13.61 16.62 -27.02
C THR A 77 -15.12 16.50 -26.91
N LEU A 78 -15.62 16.34 -25.67
CA LEU A 78 -17.06 16.39 -25.36
C LEU A 78 -17.30 17.59 -24.46
N LYS A 79 -18.23 18.46 -24.87
CA LYS A 79 -18.62 19.66 -24.11
C LYS A 79 -20.06 19.60 -23.63
N ILE A 80 -20.25 19.98 -22.36
CA ILE A 80 -21.56 20.09 -21.71
C ILE A 80 -21.70 21.57 -21.37
N SER A 81 -22.66 22.26 -22.00
CA SER A 81 -22.78 23.72 -21.88
C SER A 81 -23.34 24.17 -20.53
N ARG A 82 -24.33 23.45 -19.99
CA ARG A 82 -24.95 23.77 -18.69
C ARG A 82 -25.21 22.50 -17.91
N VAL A 83 -24.28 22.17 -17.01
CA VAL A 83 -24.32 20.92 -16.23
C VAL A 83 -25.51 20.88 -15.28
N GLU A 84 -26.23 19.77 -15.34
CA GLU A 84 -27.39 19.47 -14.50
C GLU A 84 -27.03 18.24 -13.64
N SER A 85 -27.80 17.99 -12.57
CA SER A 85 -27.59 16.84 -11.68
C SER A 85 -27.72 15.50 -12.40
N GLU A 86 -28.43 15.50 -13.53
CA GLU A 86 -28.64 14.33 -14.37
C GLU A 86 -27.36 13.94 -15.15
N ASP A 87 -26.49 14.93 -15.37
CA ASP A 87 -25.24 14.77 -16.13
C ASP A 87 -24.14 14.08 -15.34
N LEU A 88 -24.33 13.91 -14.02
CA LEU A 88 -23.35 13.28 -13.14
C LEU A 88 -23.27 11.77 -13.36
N GLY A 89 -22.04 11.29 -13.45
CA GLY A 89 -21.72 9.87 -13.67
C GLY A 89 -20.40 9.77 -14.38
N ILE A 90 -20.16 8.64 -15.05
CA ILE A 90 -18.91 8.42 -15.78
C ILE A 90 -19.14 8.54 -17.29
N TYR A 91 -18.29 9.35 -17.94
CA TYR A 91 -18.29 9.58 -19.39
C TYR A 91 -17.18 8.77 -20.05
N TYR A 92 -17.52 7.99 -21.07
CA TYR A 92 -16.52 7.18 -21.79
C TYR A 92 -16.43 7.56 -23.25
N CYS A 93 -15.21 7.70 -23.77
CA CYS A 93 -15.08 7.82 -25.21
C CYS A 93 -14.96 6.41 -25.74
N SER A 94 -15.42 6.21 -26.96
CA SER A 94 -15.47 4.92 -27.62
C SER A 94 -15.03 5.11 -29.05
N GLN A 95 -14.23 4.18 -29.58
CA GLN A 95 -13.89 4.21 -30.99
C GLN A 95 -14.30 2.87 -31.58
N THR A 96 -14.96 2.92 -32.73
CA THR A 96 -15.36 1.68 -33.41
C THR A 96 -14.93 1.65 -34.89
N THR A 97 -13.91 2.45 -35.25
CA THR A 97 -13.36 2.45 -36.61
C THR A 97 -12.54 1.18 -36.84
N HIS A 98 -11.67 0.84 -35.87
CA HIS A 98 -10.78 -0.32 -35.92
C HIS A 98 -11.20 -1.41 -34.96
N VAL A 99 -11.16 -2.65 -35.42
CA VAL A 99 -11.44 -3.80 -34.57
C VAL A 99 -10.10 -4.21 -33.98
N PRO A 100 -10.00 -4.40 -32.64
CA PRO A 100 -11.08 -4.38 -31.66
C PRO A 100 -11.56 -2.98 -31.26
N TYR A 101 -12.87 -2.85 -31.06
CA TYR A 101 -13.46 -1.61 -30.55
C TYR A 101 -12.92 -1.39 -29.16
N THR A 102 -12.53 -0.17 -28.84
CA THR A 102 -11.97 0.15 -27.53
C THR A 102 -12.61 1.38 -26.89
N PHE A 103 -12.46 1.48 -25.58
CA PHE A 103 -13.02 2.55 -24.77
C PHE A 103 -11.94 3.23 -23.98
N GLY A 104 -12.19 4.48 -23.61
CA GLY A 104 -11.32 5.18 -22.67
C GLY A 104 -11.62 4.74 -21.26
N GLY A 105 -10.79 5.16 -20.32
CA GLY A 105 -10.89 4.73 -18.91
C GLY A 105 -12.06 5.31 -18.14
N GLY A 106 -12.71 6.30 -18.73
CA GLY A 106 -13.80 7.02 -18.10
C GLY A 106 -13.36 8.29 -17.40
N THR A 107 -14.24 9.29 -17.39
CA THR A 107 -14.05 10.54 -16.66
C THR A 107 -15.28 10.69 -15.74
N LYS A 108 -15.03 10.82 -14.45
CA LYS A 108 -16.11 11.05 -13.49
C LYS A 108 -16.44 12.54 -13.40
N LEU A 109 -17.70 12.88 -13.66
CA LEU A 109 -18.18 14.24 -13.51
C LEU A 109 -18.77 14.29 -12.10
N GLU A 110 -18.13 15.09 -11.24
CA GLU A 110 -18.47 15.19 -9.83
C GLU A 110 -18.79 16.61 -9.39
N ILE A 111 -19.28 16.76 -8.16
CA ILE A 111 -19.68 18.07 -7.63
C ILE A 111 -18.59 18.73 -6.80
N LYS A 112 -18.50 20.07 -6.95
CA LYS A 112 -17.57 20.91 -6.20
C LYS A 112 -18.19 21.38 -4.90
N ARG A 113 -17.36 21.34 -3.85
CA ARG A 113 -17.71 21.85 -2.53
C ARG A 113 -16.41 22.44 -1.95
N ALA A 114 -16.48 23.11 -0.78
CA ALA A 114 -15.29 23.67 -0.13
C ALA A 114 -14.34 22.55 0.36
N ASP A 115 -13.05 22.84 0.53
CA ASP A 115 -12.10 21.83 1.04
C ASP A 115 -12.45 21.42 2.47
N ALA A 116 -12.35 20.13 2.75
CA ALA A 116 -12.66 19.53 4.05
C ALA A 116 -11.56 18.52 4.45
N ALA A 117 -10.96 18.74 5.61
CA ALA A 117 -9.95 17.86 6.18
C ALA A 117 -10.62 16.56 6.62
N PRO A 118 -9.98 15.40 6.43
CA PRO A 118 -10.64 14.16 6.89
C PRO A 118 -10.67 14.03 8.41
N THR A 119 -11.73 13.44 8.94
CA THR A 119 -11.79 13.08 10.35
C THR A 119 -11.26 11.64 10.44
N VAL A 120 -10.11 11.50 11.10
CA VAL A 120 -9.41 10.21 11.20
C VAL A 120 -9.66 9.55 12.58
N SER A 121 -10.09 8.29 12.56
CA SER A 121 -10.30 7.47 13.75
C SER A 121 -9.53 6.14 13.62
N ILE A 122 -8.76 5.74 14.63
CA ILE A 122 -8.06 4.44 14.62
C ILE A 122 -8.72 3.47 15.63
N PHE A 123 -8.86 2.19 15.23
CA PHE A 123 -9.50 1.15 16.05
C PHE A 123 -8.61 -0.08 16.22
N PRO A 124 -8.12 -0.33 17.45
CA PRO A 124 -7.38 -1.57 17.72
C PRO A 124 -8.29 -2.79 17.53
N PRO A 125 -7.72 -4.00 17.39
CA PRO A 125 -8.55 -5.20 17.30
C PRO A 125 -9.55 -5.32 18.47
N SER A 126 -10.75 -5.78 18.16
CA SER A 126 -11.72 -6.10 19.20
C SER A 126 -11.25 -7.34 19.98
N SER A 127 -11.53 -7.40 21.27
CA SER A 127 -11.24 -8.59 22.08
C SER A 127 -11.87 -9.86 21.50
N GLU A 128 -13.03 -9.71 20.84
CA GLU A 128 -13.73 -10.83 20.18
C GLU A 128 -12.92 -11.39 19.01
N GLN A 129 -12.34 -10.52 18.20
CA GLN A 129 -11.42 -10.94 17.13
C GLN A 129 -10.16 -11.59 17.71
N LEU A 130 -9.61 -11.03 18.78
CA LEU A 130 -8.41 -11.61 19.42
C LEU A 130 -8.67 -13.02 19.99
N THR A 131 -9.88 -13.26 20.48
CA THR A 131 -10.31 -14.58 20.95
C THR A 131 -10.26 -15.61 19.80
N SER A 132 -10.58 -15.17 18.58
CA SER A 132 -10.60 -16.01 17.37
C SER A 132 -9.24 -16.19 16.66
N GLY A 133 -8.17 -15.57 17.16
CA GLY A 133 -6.83 -15.72 16.58
C GLY A 133 -6.46 -14.70 15.52
N GLY A 134 -7.37 -13.76 15.27
CA GLY A 134 -7.12 -12.70 14.30
C GLY A 134 -6.91 -11.36 14.98
N ALA A 135 -6.48 -10.39 14.19
CA ALA A 135 -6.24 -9.02 14.66
C ALA A 135 -6.22 -8.07 13.46
N SER A 136 -7.26 -7.25 13.33
CA SER A 136 -7.33 -6.22 12.28
C SER A 136 -7.34 -4.87 12.99
N VAL A 137 -6.61 -3.91 12.44
CA VAL A 137 -6.63 -2.53 12.93
C VAL A 137 -7.35 -1.74 11.84
N VAL A 138 -8.35 -0.95 12.25
CA VAL A 138 -9.21 -0.23 11.30
C VAL A 138 -9.07 1.28 11.47
N CYS A 139 -8.93 1.95 10.33
CA CYS A 139 -8.78 3.38 10.27
C CYS A 139 -9.87 3.96 9.39
N PHE A 140 -10.64 4.89 9.93
CA PHE A 140 -11.64 5.58 9.13
C PHE A 140 -11.13 6.98 8.84
N LEU A 141 -11.32 7.43 7.61
CA LEU A 141 -10.94 8.77 7.22
C LEU A 141 -12.13 9.39 6.52
N ASN A 142 -12.90 10.18 7.28
CA ASN A 142 -14.27 10.46 6.92
C ASN A 142 -14.54 11.91 6.48
N ASN A 143 -15.54 12.07 5.62
CA ASN A 143 -16.04 13.36 5.18
C ASN A 143 -14.93 14.32 4.79
N PHE A 144 -14.23 14.00 3.70
CA PHE A 144 -13.12 14.83 3.22
C PHE A 144 -13.33 15.24 1.77
N TYR A 145 -12.66 16.31 1.38
CA TYR A 145 -12.74 16.81 0.01
C TYR A 145 -11.62 17.80 -0.24
N PRO A 146 -10.88 17.63 -1.35
CA PRO A 146 -11.26 16.78 -2.47
C PRO A 146 -10.96 15.29 -2.23
N LYS A 147 -11.26 14.47 -3.23
CA LYS A 147 -11.23 13.01 -3.06
C LYS A 147 -9.83 12.40 -2.97
N ASP A 148 -8.81 13.12 -3.44
CA ASP A 148 -7.45 12.59 -3.47
C ASP A 148 -6.86 12.55 -2.06
N ILE A 149 -6.54 11.32 -1.62
CA ILE A 149 -6.07 11.04 -0.26
C ILE A 149 -5.05 9.89 -0.24
N ASN A 150 -3.98 10.04 0.54
CA ASN A 150 -3.02 8.95 0.75
C ASN A 150 -3.02 8.52 2.22
N VAL A 151 -3.20 7.23 2.43
CA VAL A 151 -3.15 6.67 3.77
C VAL A 151 -1.96 5.76 3.93
N LYS A 152 -1.39 5.73 5.13
CA LYS A 152 -0.10 5.10 5.35
C LYS A 152 -0.07 4.43 6.72
N TRP A 153 0.30 3.15 6.73
CA TRP A 153 0.32 2.37 7.95
C TRP A 153 1.74 2.19 8.45
N LYS A 154 1.95 2.47 9.73
CA LYS A 154 3.26 2.30 10.36
C LYS A 154 3.12 1.39 11.55
N ILE A 155 4.02 0.40 11.63
CA ILE A 155 4.10 -0.52 12.75
C ILE A 155 5.50 -0.42 13.30
N ASP A 156 5.64 0.10 14.52
CA ASP A 156 6.94 0.26 15.20
C ASP A 156 7.94 1.03 14.35
N GLY A 157 7.46 2.10 13.72
CA GLY A 157 8.29 2.99 12.91
C GLY A 157 8.38 2.64 11.44
N SER A 158 8.23 1.35 11.11
CA SER A 158 8.38 0.89 9.73
C SER A 158 7.02 0.87 9.01
N GLU A 159 7.04 1.34 7.75
CA GLU A 159 5.86 1.41 6.89
C GLU A 159 5.38 0.03 6.48
N ARG A 160 4.08 -0.21 6.54
CA ARG A 160 3.52 -1.50 6.15
C ARG A 160 2.65 -1.49 4.87
N GLN A 161 2.95 -2.45 3.99
CA GLN A 161 2.24 -2.63 2.72
C GLN A 161 1.30 -3.85 2.73
N ASN A 162 1.81 -4.99 3.18
CA ASN A 162 1.07 -6.27 3.26
C ASN A 162 -0.10 -6.22 4.23
N GLY A 163 -1.20 -6.83 3.85
CA GLY A 163 -2.39 -6.92 4.68
C GLY A 163 -3.16 -5.61 4.82
N VAL A 164 -3.02 -4.71 3.85
CA VAL A 164 -3.74 -3.44 3.87
C VAL A 164 -4.89 -3.47 2.85
N LEU A 165 -6.12 -3.37 3.34
CA LEU A 165 -7.35 -3.40 2.55
C LEU A 165 -7.98 -2.02 2.59
N ASN A 166 -7.98 -1.32 1.45
CA ASN A 166 -8.62 0.01 1.34
C ASN A 166 -9.96 -0.04 0.62
N SER A 167 -10.89 0.80 1.07
CA SER A 167 -12.21 0.91 0.47
C SER A 167 -12.68 2.37 0.53
N TRP A 168 -13.37 2.79 -0.52
CA TRP A 168 -13.79 4.18 -0.72
C TRP A 168 -15.27 4.28 -0.99
N THR A 169 -15.92 5.28 -0.42
CA THR A 169 -17.32 5.60 -0.75
C THR A 169 -17.33 6.50 -1.98
N ASP A 170 -18.46 6.54 -2.68
CA ASP A 170 -18.69 7.50 -3.76
C ASP A 170 -18.97 8.87 -3.13
N GLN A 171 -19.03 9.91 -3.94
CA GLN A 171 -19.33 11.26 -3.42
C GLN A 171 -20.67 11.23 -2.72
N ASP A 172 -20.71 11.59 -1.44
CA ASP A 172 -21.93 11.69 -0.65
C ASP A 172 -22.94 12.61 -1.33
N SER A 173 -24.21 12.19 -1.34
CA SER A 173 -25.30 12.89 -2.03
C SER A 173 -25.65 14.22 -1.35
N LYS A 174 -25.62 14.22 -0.01
CA LYS A 174 -25.98 15.39 0.78
C LYS A 174 -24.84 16.43 0.93
N ASP A 175 -23.69 16.05 1.49
CA ASP A 175 -22.61 17.03 1.78
C ASP A 175 -21.47 17.11 0.73
N SER A 176 -21.53 16.28 -0.32
CA SER A 176 -20.51 16.24 -1.39
C SER A 176 -19.09 15.78 -1.01
N THR A 177 -18.94 15.21 0.20
CA THR A 177 -17.65 14.72 0.68
C THR A 177 -17.37 13.24 0.35
N TYR A 178 -16.15 12.82 0.71
CA TYR A 178 -15.67 11.48 0.48
C TYR A 178 -15.23 10.90 1.80
N SER A 179 -15.22 9.59 1.86
CA SER A 179 -14.82 8.85 3.04
C SER A 179 -14.03 7.66 2.57
N MET A 180 -13.22 7.11 3.48
CA MET A 180 -12.35 6.00 3.16
C MET A 180 -12.17 5.14 4.39
N SER A 181 -12.06 3.84 4.18
CA SER A 181 -11.70 2.89 5.23
C SER A 181 -10.39 2.20 4.85
N SER A 182 -9.50 2.01 5.81
CA SER A 182 -8.23 1.31 5.61
C SER A 182 -8.06 0.35 6.77
N THR A 183 -7.93 -0.94 6.44
CA THR A 183 -7.81 -1.99 7.43
C THR A 183 -6.49 -2.73 7.24
N LEU A 184 -5.73 -2.84 8.35
CA LEU A 184 -4.47 -3.57 8.44
C LEU A 184 -4.77 -4.92 9.05
N THR A 185 -4.59 -6.00 8.29
CA THR A 185 -4.88 -7.36 8.79
C THR A 185 -3.59 -8.10 9.18
N LEU A 186 -3.61 -8.68 10.38
CA LEU A 186 -2.47 -9.40 10.97
C LEU A 186 -2.98 -10.67 11.65
N THR A 187 -2.07 -11.57 11.95
CA THR A 187 -2.37 -12.68 12.83
C THR A 187 -2.25 -12.08 14.22
N LYS A 188 -2.99 -12.62 15.19
CA LYS A 188 -2.90 -12.19 16.60
C LYS A 188 -1.43 -12.29 17.07
N ASP A 189 -0.75 -13.36 16.66
CA ASP A 189 0.63 -13.57 17.05
C ASP A 189 1.56 -12.45 16.61
N GLU A 190 1.36 -11.92 15.38
CA GLU A 190 2.19 -10.85 14.90
C GLU A 190 1.82 -9.54 15.60
N TYR A 191 0.53 -9.33 15.81
CA TYR A 191 0.01 -8.14 16.48
C TYR A 191 0.55 -8.00 17.89
N GLU A 192 0.63 -9.12 18.60
CA GLU A 192 1.12 -9.17 19.99
C GLU A 192 2.63 -8.99 20.06
N ARG A 193 3.28 -8.97 18.89
CA ARG A 193 4.73 -8.77 18.80
C ARG A 193 5.15 -7.36 18.46
N HIS A 194 4.18 -6.52 18.09
CA HIS A 194 4.46 -5.11 17.83
C HIS A 194 3.71 -4.22 18.84
N ASN A 195 4.19 -3.01 19.01
CA ASN A 195 3.66 -2.11 20.04
C ASN A 195 2.92 -0.91 19.46
N SER A 196 3.59 -0.19 18.57
CA SER A 196 3.07 1.06 18.03
C SER A 196 2.36 0.85 16.71
N TYR A 197 1.12 1.32 16.62
CA TYR A 197 0.31 1.18 15.41
C TYR A 197 -0.21 2.55 14.96
N THR A 198 0.11 2.94 13.74
CA THR A 198 -0.13 4.28 13.26
C THR A 198 -0.80 4.28 11.91
N CYS A 199 -1.77 5.17 11.77
CA CYS A 199 -2.48 5.43 10.50
C CYS A 199 -2.27 6.92 10.19
N GLU A 200 -1.63 7.21 9.04
CA GLU A 200 -1.30 8.58 8.57
C GLU A 200 -2.08 8.92 7.31
N ALA A 201 -2.74 10.09 7.30
CA ALA A 201 -3.46 10.59 6.13
C ALA A 201 -2.77 11.85 5.52
N THR A 202 -2.49 11.83 4.21
CA THR A 202 -1.94 12.98 3.48
C THR A 202 -3.05 13.52 2.58
N HIS A 203 -3.43 14.78 2.81
CA HIS A 203 -4.53 15.43 2.10
C HIS A 203 -4.18 16.91 1.92
N LYS A 204 -4.62 17.52 0.82
CA LYS A 204 -4.25 18.91 0.51
C LYS A 204 -4.67 19.95 1.57
N THR A 205 -5.53 19.55 2.50
CA THR A 205 -6.00 20.41 3.59
C THR A 205 -4.98 20.67 4.71
N SER A 206 -3.90 19.86 4.76
CA SER A 206 -2.83 20.05 5.74
C SER A 206 -1.45 19.82 5.13
N THR A 207 -0.48 20.59 5.59
CA THR A 207 0.89 20.51 5.11
C THR A 207 1.64 19.38 5.82
N SER A 208 1.07 18.90 6.93
CA SER A 208 1.61 17.75 7.66
C SER A 208 0.52 16.69 7.75
N PRO A 209 0.89 15.39 7.69
CA PRO A 209 -0.15 14.35 7.77
C PRO A 209 -0.95 14.30 9.08
N ILE A 210 -2.20 13.85 8.99
CA ILE A 210 -3.04 13.60 10.17
C ILE A 210 -2.62 12.22 10.64
N VAL A 211 -2.20 12.12 11.90
CA VAL A 211 -1.66 10.89 12.46
C VAL A 211 -2.54 10.43 13.60
N LYS A 212 -3.15 9.24 13.48
CA LYS A 212 -3.85 8.60 14.61
C LYS A 212 -3.07 7.36 14.97
N SER A 213 -2.75 7.23 16.26
CA SER A 213 -1.87 6.19 16.83
C SER A 213 -2.43 5.57 18.08
N PHE A 214 -1.93 4.37 18.40
CA PHE A 214 -2.13 3.72 19.70
C PHE A 214 -0.97 2.77 19.98
N ASN A 215 -0.79 2.46 21.25
CA ASN A 215 0.19 1.48 21.71
C ASN A 215 -0.59 0.32 22.30
N ARG A 216 -0.28 -0.89 21.87
CA ARG A 216 -0.95 -2.10 22.35
C ARG A 216 -0.77 -2.21 23.87
N ASN A 217 -1.89 -2.50 24.55
CA ASN A 217 -2.03 -2.54 26.02
C ASN A 217 -1.55 -1.25 26.71
N GLU A 218 -1.73 -0.10 26.04
CA GLU A 218 -1.25 1.23 26.49
C GLU A 218 0.20 1.21 27.03
N ASP B 1 -40.28 -0.41 -28.19
CA ASP B 1 -40.40 -1.76 -27.58
C ASP B 1 -39.08 -2.55 -27.66
N VAL B 2 -38.01 -1.98 -28.27
CA VAL B 2 -36.70 -2.65 -28.34
C VAL B 2 -36.06 -2.77 -26.94
N GLN B 3 -35.96 -4.00 -26.42
CA GLN B 3 -35.37 -4.24 -25.10
C GLN B 3 -34.45 -5.47 -25.09
N LEU B 4 -33.50 -5.47 -24.15
CA LEU B 4 -32.56 -6.57 -23.98
C LEU B 4 -32.47 -6.92 -22.50
N GLN B 5 -32.37 -8.22 -22.22
CA GLN B 5 -32.26 -8.73 -20.86
C GLN B 5 -31.20 -9.86 -20.78
N GLU B 6 -30.10 -9.58 -20.06
CA GLU B 6 -29.05 -10.57 -19.81
C GLU B 6 -29.50 -11.55 -18.72
N SER B 7 -29.08 -12.81 -18.83
CA SER B 7 -29.33 -13.82 -17.80
C SER B 7 -28.19 -14.82 -17.78
N GLY B 8 -27.91 -15.36 -16.59
CA GLY B 8 -26.81 -16.29 -16.42
C GLY B 8 -26.62 -16.79 -15.00
N PRO B 9 -25.65 -17.71 -14.81
CA PRO B 9 -25.40 -18.33 -13.51
C PRO B 9 -25.12 -17.41 -12.31
N GLY B 10 -24.51 -16.26 -12.50
CA GLY B 10 -24.16 -15.40 -11.36
C GLY B 10 -22.87 -15.78 -10.64
N LEU B 11 -22.73 -17.05 -10.26
CA LEU B 11 -21.52 -17.56 -9.59
C LEU B 11 -21.07 -18.86 -10.23
N VAL B 12 -19.79 -18.94 -10.62
CA VAL B 12 -19.20 -20.21 -11.11
C VAL B 12 -17.81 -20.41 -10.49
N LYS B 13 -17.24 -21.59 -10.71
CA LYS B 13 -15.93 -21.92 -10.13
C LYS B 13 -14.87 -21.76 -11.20
N PRO B 14 -13.62 -21.43 -10.81
CA PRO B 14 -12.57 -21.37 -11.84
C PRO B 14 -12.53 -22.68 -12.63
N SER B 15 -12.29 -22.56 -13.94
CA SER B 15 -12.18 -23.69 -14.90
C SER B 15 -13.52 -24.18 -15.51
N GLN B 16 -14.65 -23.77 -14.94
CA GLN B 16 -15.98 -24.15 -15.47
C GLN B 16 -16.29 -23.38 -16.76
N SER B 17 -17.23 -23.91 -17.54
CA SER B 17 -17.71 -23.25 -18.76
C SER B 17 -19.14 -22.74 -18.55
N LEU B 18 -19.53 -21.80 -19.40
CA LEU B 18 -20.56 -20.83 -19.05
C LEU B 18 -21.31 -20.31 -20.28
N SER B 19 -22.61 -20.13 -20.14
CA SER B 19 -23.40 -19.39 -21.11
C SER B 19 -24.14 -18.22 -20.46
N LEU B 20 -24.05 -17.06 -21.09
CA LEU B 20 -24.91 -15.93 -20.71
C LEU B 20 -25.89 -15.72 -21.83
N THR B 21 -27.16 -15.53 -21.49
CA THR B 21 -28.22 -15.37 -22.49
C THR B 21 -28.68 -13.92 -22.54
N CYS B 22 -28.86 -13.39 -23.75
CA CYS B 22 -29.50 -12.10 -23.94
C CYS B 22 -30.79 -12.31 -24.74
N THR B 23 -31.94 -12.17 -24.06
CA THR B 23 -33.23 -12.30 -24.71
C THR B 23 -33.62 -10.92 -25.21
N VAL B 24 -33.98 -10.86 -26.47
CA VAL B 24 -34.33 -9.61 -27.13
C VAL B 24 -35.84 -9.58 -27.38
N THR B 25 -36.47 -8.46 -27.01
CA THR B 25 -37.88 -8.23 -27.29
C THR B 25 -38.01 -6.96 -28.16
N GLY B 26 -39.09 -6.88 -28.94
CA GLY B 26 -39.45 -5.71 -29.74
C GLY B 26 -38.72 -5.51 -31.06
N TYR B 27 -37.63 -6.25 -31.28
CA TYR B 27 -36.85 -6.16 -32.51
C TYR B 27 -36.24 -7.53 -32.84
N SER B 28 -36.20 -7.89 -34.13
CA SER B 28 -35.65 -9.18 -34.57
C SER B 28 -34.13 -9.13 -34.76
N ILE B 29 -33.42 -10.10 -34.16
CA ILE B 29 -31.96 -10.21 -34.27
C ILE B 29 -31.48 -10.63 -35.68
N THR B 30 -32.43 -10.82 -36.59
CA THR B 30 -32.10 -11.15 -37.98
C THR B 30 -32.25 -9.94 -38.91
N SER B 31 -32.41 -8.75 -38.33
CA SER B 31 -32.64 -7.53 -39.10
C SER B 31 -31.49 -6.55 -38.97
N ASN B 32 -30.64 -6.51 -39.99
CA ASN B 32 -29.66 -5.44 -40.17
C ASN B 32 -28.55 -5.41 -39.12
N TYR B 33 -28.93 -5.34 -37.86
CA TYR B 33 -28.00 -4.96 -36.79
C TYR B 33 -27.10 -6.11 -36.33
N ALA B 34 -25.92 -5.75 -35.83
CA ALA B 34 -25.09 -6.66 -35.06
C ALA B 34 -25.53 -6.64 -33.60
N TRP B 35 -25.13 -7.65 -32.84
CA TRP B 35 -25.52 -7.78 -31.45
C TRP B 35 -24.31 -8.11 -30.59
N ASN B 36 -24.00 -7.23 -29.64
CA ASN B 36 -22.67 -7.15 -29.05
C ASN B 36 -22.64 -7.57 -27.58
N TRP B 37 -21.47 -8.03 -27.13
CA TRP B 37 -21.23 -8.30 -25.73
C TRP B 37 -20.08 -7.44 -25.23
N ILE B 38 -20.30 -6.77 -24.12
CA ILE B 38 -19.31 -5.86 -23.54
C ILE B 38 -19.23 -6.09 -22.04
N ARG B 39 -18.01 -6.14 -21.52
CA ARG B 39 -17.76 -6.38 -20.11
C ARG B 39 -17.35 -5.11 -19.38
N GLN B 40 -17.57 -5.09 -18.08
CA GLN B 40 -17.07 -4.01 -17.23
C GLN B 40 -16.52 -4.56 -15.93
N PHE B 41 -15.30 -4.18 -15.60
CA PHE B 41 -14.67 -4.61 -14.37
C PHE B 41 -14.71 -3.52 -13.30
N PRO B 42 -14.45 -3.89 -12.03
CA PRO B 42 -14.25 -2.89 -10.98
C PRO B 42 -13.07 -2.02 -11.41
N GLY B 43 -13.23 -0.71 -11.29
CA GLY B 43 -12.26 0.25 -11.82
C GLY B 43 -12.85 0.92 -13.05
N ASN B 44 -14.01 0.42 -13.50
CA ASN B 44 -14.84 0.94 -14.60
C ASN B 44 -14.39 0.61 -16.02
N LYS B 45 -13.31 -0.16 -16.18
CA LYS B 45 -12.83 -0.50 -17.51
C LYS B 45 -13.90 -1.24 -18.28
N LEU B 46 -14.19 -0.74 -19.48
CA LEU B 46 -15.14 -1.39 -20.39
C LEU B 46 -14.32 -2.15 -21.44
N GLU B 47 -14.76 -3.36 -21.74
CA GLU B 47 -14.08 -4.22 -22.67
C GLU B 47 -15.10 -4.84 -23.65
N TRP B 48 -14.96 -4.48 -24.93
CA TRP B 48 -15.76 -5.06 -26.00
C TRP B 48 -15.27 -6.45 -26.28
N MET B 49 -16.18 -7.41 -26.34
CA MET B 49 -15.80 -8.80 -26.53
C MET B 49 -16.01 -9.28 -27.97
N GLY B 50 -17.16 -8.93 -28.54
CA GLY B 50 -17.47 -9.28 -29.91
C GLY B 50 -18.90 -9.04 -30.31
N PHE B 51 -19.24 -9.46 -31.52
CA PHE B 51 -20.60 -9.39 -32.03
C PHE B 51 -20.96 -10.55 -32.93
N ILE B 52 -22.29 -10.73 -33.12
CA ILE B 52 -22.88 -11.68 -34.06
C ILE B 52 -23.77 -10.85 -34.98
N SER B 53 -23.50 -10.92 -36.29
CA SER B 53 -24.24 -10.21 -37.35
C SER B 53 -25.71 -10.62 -37.39
N SER B 54 -26.51 -9.93 -38.19
CA SER B 54 -27.91 -10.32 -38.33
C SER B 54 -27.96 -11.61 -39.17
N TYR B 55 -26.85 -11.92 -39.86
CA TYR B 55 -26.69 -13.10 -40.72
C TYR B 55 -25.90 -14.25 -40.08
N GLY B 56 -25.74 -14.20 -38.76
CA GLY B 56 -25.13 -15.26 -37.98
C GLY B 56 -23.61 -15.35 -37.96
N THR B 57 -22.91 -14.37 -38.55
CA THR B 57 -21.44 -14.38 -38.57
C THR B 57 -20.90 -13.59 -37.40
N THR B 58 -19.75 -14.02 -36.87
CA THR B 58 -19.20 -13.43 -35.67
C THR B 58 -17.93 -12.62 -35.94
N THR B 59 -17.64 -11.71 -35.02
CA THR B 59 -16.42 -10.88 -35.00
C THR B 59 -16.04 -10.73 -33.53
N TYR B 60 -14.87 -11.24 -33.15
CA TYR B 60 -14.41 -11.19 -31.76
C TYR B 60 -13.28 -10.21 -31.52
N ASN B 61 -13.02 -9.93 -30.24
CA ASN B 61 -11.85 -9.17 -29.84
C ASN B 61 -10.65 -10.13 -29.83
N PRO B 62 -9.69 -9.94 -30.74
CA PRO B 62 -8.55 -10.87 -30.83
C PRO B 62 -7.51 -10.76 -29.69
N SER B 63 -7.51 -9.64 -28.96
CA SER B 63 -6.50 -9.33 -27.95
C SER B 63 -6.84 -9.85 -26.56
N LEU B 64 -7.97 -10.52 -26.41
CA LEU B 64 -8.38 -11.01 -25.09
C LEU B 64 -7.80 -12.39 -24.76
N LYS B 65 -7.51 -12.61 -23.47
CA LYS B 65 -6.97 -13.88 -22.99
C LYS B 65 -8.08 -14.86 -22.65
N SER B 66 -9.28 -14.36 -22.44
CA SER B 66 -10.45 -15.21 -22.18
C SER B 66 -10.81 -15.97 -23.45
N ARG B 67 -11.16 -17.24 -23.27
CA ARG B 67 -11.62 -18.12 -24.34
C ARG B 67 -13.13 -18.01 -24.35
N PHE B 68 -13.68 -17.53 -25.47
CA PHE B 68 -15.11 -17.31 -25.60
C PHE B 68 -15.57 -17.29 -27.06
N SER B 69 -16.86 -17.52 -27.23
CA SER B 69 -17.50 -17.47 -28.54
C SER B 69 -18.92 -16.93 -28.34
N ILE B 70 -19.51 -16.42 -29.41
CA ILE B 70 -20.86 -15.89 -29.41
C ILE B 70 -21.73 -16.70 -30.38
N THR B 71 -22.88 -17.18 -29.91
CA THR B 71 -23.82 -17.94 -30.74
C THR B 71 -25.20 -17.30 -30.62
N ARG B 72 -26.16 -17.80 -31.40
CA ARG B 72 -27.54 -17.31 -31.34
C ARG B 72 -28.54 -18.43 -31.56
N ASP B 73 -29.80 -18.15 -31.23
CA ASP B 73 -30.99 -18.98 -31.49
C ASP B 73 -32.07 -18.04 -32.03
N THR B 74 -32.13 -17.90 -33.35
CA THR B 74 -33.05 -16.97 -33.99
C THR B 74 -34.52 -17.23 -33.64
N SER B 75 -34.93 -18.48 -33.53
CA SER B 75 -36.32 -18.83 -33.19
C SER B 75 -36.73 -18.37 -31.78
N LYS B 76 -35.76 -18.28 -30.86
CA LYS B 76 -36.03 -17.79 -29.51
C LYS B 76 -35.70 -16.29 -29.36
N ASN B 77 -35.18 -15.69 -30.44
CA ASN B 77 -34.71 -14.30 -30.50
C ASN B 77 -33.69 -13.98 -29.40
N GLN B 78 -32.71 -14.88 -29.26
CA GLN B 78 -31.66 -14.82 -28.24
C GLN B 78 -30.28 -15.00 -28.84
N PHE B 79 -29.31 -14.26 -28.29
CA PHE B 79 -27.89 -14.47 -28.59
C PHE B 79 -27.13 -14.72 -27.28
N PHE B 80 -26.07 -15.54 -27.37
CA PHE B 80 -25.35 -16.03 -26.21
C PHE B 80 -23.87 -15.70 -26.22
N LEU B 81 -23.29 -15.62 -25.03
CA LEU B 81 -21.84 -15.48 -24.85
C LEU B 81 -21.41 -16.76 -24.14
N GLN B 82 -20.66 -17.57 -24.86
CA GLN B 82 -20.14 -18.81 -24.29
C GLN B 82 -18.77 -18.53 -23.70
N LEU B 83 -18.67 -18.59 -22.38
CA LEU B 83 -17.39 -18.38 -21.71
C LEU B 83 -16.83 -19.74 -21.34
N HIS B 84 -15.66 -20.05 -21.88
CA HIS B 84 -15.04 -21.34 -21.70
C HIS B 84 -13.90 -21.26 -20.70
N SER B 85 -13.88 -22.19 -19.73
CA SER B 85 -12.79 -22.30 -18.74
C SER B 85 -12.41 -20.97 -18.10
N VAL B 86 -13.34 -20.42 -17.33
CA VAL B 86 -13.18 -19.09 -16.74
C VAL B 86 -12.13 -19.03 -15.64
N THR B 87 -11.58 -17.84 -15.44
CA THR B 87 -10.65 -17.56 -14.37
C THR B 87 -11.26 -16.47 -13.47
N ILE B 88 -10.69 -16.30 -12.28
CA ILE B 88 -11.10 -15.27 -11.33
C ILE B 88 -11.12 -13.87 -11.99
N GLU B 89 -10.25 -13.68 -12.98
CA GLU B 89 -10.12 -12.42 -13.74
C GLU B 89 -11.30 -12.12 -14.68
N ASP B 90 -12.20 -13.10 -14.88
CA ASP B 90 -13.44 -12.94 -15.66
C ASP B 90 -14.62 -12.40 -14.85
N THR B 91 -14.41 -12.18 -13.55
CA THR B 91 -15.39 -11.57 -12.64
C THR B 91 -15.73 -10.12 -13.06
N GLY B 92 -17.02 -9.77 -13.13
CA GLY B 92 -17.45 -8.44 -13.52
C GLY B 92 -18.86 -8.39 -14.09
N THR B 93 -19.21 -7.26 -14.70
CA THR B 93 -20.55 -7.06 -15.26
C THR B 93 -20.50 -7.24 -16.77
N TYR B 94 -21.46 -8.03 -17.26
CA TYR B 94 -21.55 -8.40 -18.67
C TYR B 94 -22.81 -7.74 -19.21
N PHE B 95 -22.63 -6.86 -20.19
CA PHE B 95 -23.74 -6.22 -20.87
C PHE B 95 -23.89 -6.75 -22.28
N CYS B 96 -25.15 -6.96 -22.64
CA CYS B 96 -25.49 -7.13 -24.04
C CYS B 96 -26.07 -5.81 -24.50
N THR B 97 -25.92 -5.56 -25.79
CA THR B 97 -26.37 -4.37 -26.46
C THR B 97 -26.65 -4.78 -27.91
N ARG B 98 -27.30 -3.91 -28.67
CA ARG B 98 -27.48 -4.13 -30.09
C ARG B 98 -26.17 -3.54 -30.64
N GLU B 99 -26.16 -2.25 -30.96
CA GLU B 99 -24.92 -1.60 -31.38
C GLU B 99 -24.62 -0.35 -30.55
N GLY B 100 -24.64 -0.49 -29.23
CA GLY B 100 -24.43 0.62 -28.29
C GLY B 100 -25.64 1.55 -28.14
N ASP B 101 -26.68 1.32 -28.93
CA ASP B 101 -27.86 2.16 -28.90
C ASP B 101 -28.88 1.66 -27.85
N TYR B 102 -29.08 0.36 -27.77
CA TYR B 102 -29.91 -0.27 -26.75
C TYR B 102 -29.05 -1.25 -25.97
N TRP B 103 -29.25 -1.29 -24.66
CA TRP B 103 -28.49 -2.08 -23.73
C TRP B 103 -29.42 -2.80 -22.77
N GLY B 104 -28.97 -3.92 -22.23
CA GLY B 104 -29.63 -4.58 -21.11
C GLY B 104 -29.18 -4.00 -19.77
N GLN B 105 -29.77 -4.51 -18.68
CA GLN B 105 -29.46 -4.07 -17.31
C GLN B 105 -28.05 -4.50 -16.84
N GLY B 106 -27.49 -5.51 -17.49
CA GLY B 106 -26.18 -6.04 -17.14
C GLY B 106 -26.30 -7.21 -16.17
N THR B 107 -25.38 -8.15 -16.26
CA THR B 107 -25.39 -9.33 -15.42
C THR B 107 -24.06 -9.47 -14.69
N THR B 108 -24.13 -9.68 -13.39
CA THR B 108 -22.95 -9.80 -12.56
C THR B 108 -22.47 -11.23 -12.51
N LEU B 109 -21.24 -11.45 -12.95
CA LEU B 109 -20.62 -12.78 -12.91
C LEU B 109 -19.49 -12.76 -11.94
N THR B 110 -19.51 -13.70 -10.99
CA THR B 110 -18.43 -13.92 -10.03
C THR B 110 -17.81 -15.30 -10.31
N VAL B 111 -16.49 -15.34 -10.36
CA VAL B 111 -15.74 -16.58 -10.56
C VAL B 111 -14.85 -16.73 -9.34
N SER B 112 -15.26 -17.65 -8.47
CA SER B 112 -14.63 -17.92 -7.19
C SER B 112 -14.76 -19.40 -6.84
N SER B 113 -13.73 -19.94 -6.17
CA SER B 113 -13.73 -21.31 -5.67
C SER B 113 -14.17 -21.35 -4.21
N ALA B 114 -14.58 -20.20 -3.66
CA ALA B 114 -14.99 -20.09 -2.25
C ALA B 114 -16.30 -20.82 -1.96
N LYS B 115 -16.49 -21.15 -0.69
CA LYS B 115 -17.71 -21.77 -0.18
C LYS B 115 -18.51 -20.71 0.55
N THR B 116 -19.81 -20.96 0.74
CA THR B 116 -20.66 -20.05 1.48
C THR B 116 -20.12 -19.92 2.90
N THR B 117 -19.75 -18.69 3.29
CA THR B 117 -19.13 -18.46 4.58
C THR B 117 -19.83 -17.31 5.30
N ALA B 118 -20.29 -17.60 6.50
CA ALA B 118 -20.91 -16.62 7.38
C ALA B 118 -19.84 -15.62 7.81
N PRO B 119 -20.17 -14.32 7.90
CA PRO B 119 -19.14 -13.38 8.36
C PRO B 119 -18.92 -13.44 9.86
N SER B 120 -17.77 -12.95 10.30
CA SER B 120 -17.49 -12.74 11.72
C SER B 120 -17.73 -11.26 11.87
N VAL B 121 -18.54 -10.86 12.86
CA VAL B 121 -18.85 -9.45 13.06
C VAL B 121 -18.14 -8.95 14.31
N TYR B 122 -17.33 -7.90 14.18
CA TYR B 122 -16.55 -7.38 15.30
C TYR B 122 -16.88 -5.93 15.65
N PRO B 123 -17.17 -5.63 16.94
CA PRO B 123 -17.49 -4.23 17.29
C PRO B 123 -16.23 -3.39 17.36
N LEU B 124 -16.30 -2.13 16.97
CA LEU B 124 -15.12 -1.26 17.00
C LEU B 124 -15.38 -0.03 17.86
N ALA B 125 -14.89 -0.12 19.10
CA ALA B 125 -15.00 0.94 20.12
C ALA B 125 -13.76 1.83 20.03
N PRO B 126 -13.87 3.12 20.41
CA PRO B 126 -12.69 4.00 20.34
C PRO B 126 -11.54 3.57 21.25
N VAL B 127 -10.33 4.06 20.93
CA VAL B 127 -9.10 3.77 21.67
C VAL B 127 -9.23 4.28 23.11
N CYS B 128 -8.78 3.47 24.09
CA CYS B 128 -8.97 3.72 25.54
C CYS B 128 -8.80 5.15 26.06
N GLY B 133 -13.35 14.38 22.62
CA GLY B 133 -13.89 15.44 21.78
C GLY B 133 -15.40 15.61 21.90
N SER B 134 -15.98 16.44 21.02
CA SER B 134 -17.42 16.72 20.99
C SER B 134 -18.21 15.57 20.37
N SER B 135 -17.61 14.92 19.36
CA SER B 135 -18.19 13.73 18.70
C SER B 135 -17.36 12.46 18.95
N VAL B 136 -17.97 11.32 18.63
CA VAL B 136 -17.39 10.01 18.79
C VAL B 136 -17.68 9.18 17.52
N THR B 137 -16.64 8.52 16.97
CA THR B 137 -16.80 7.60 15.84
C THR B 137 -16.59 6.16 16.30
N LEU B 138 -17.61 5.34 16.01
CA LEU B 138 -17.67 3.94 16.33
C LEU B 138 -17.72 3.20 15.00
N GLY B 139 -17.43 1.92 15.04
CA GLY B 139 -17.44 1.13 13.83
C GLY B 139 -17.81 -0.31 14.01
N CYS B 140 -17.85 -1.01 12.88
CA CYS B 140 -18.20 -2.40 12.82
C CYS B 140 -17.43 -3.05 11.67
N LEU B 141 -16.78 -4.17 11.96
CA LEU B 141 -16.00 -4.91 10.96
C LEU B 141 -16.71 -6.23 10.65
N VAL B 142 -17.16 -6.34 9.40
CA VAL B 142 -17.80 -7.54 8.89
C VAL B 142 -16.76 -8.26 8.06
N LYS B 143 -16.24 -9.37 8.58
CA LYS B 143 -15.09 -10.05 8.00
C LYS B 143 -15.33 -11.49 7.58
N GLY B 144 -14.76 -11.85 6.43
CA GLY B 144 -14.68 -13.22 5.92
C GLY B 144 -15.99 -13.84 5.49
N TYR B 145 -16.72 -13.16 4.61
CA TYR B 145 -17.99 -13.71 4.13
C TYR B 145 -18.01 -13.96 2.61
N PHE B 146 -18.84 -14.92 2.21
CA PHE B 146 -19.03 -15.28 0.81
C PHE B 146 -20.38 -15.97 0.69
N PRO B 147 -21.15 -15.66 -0.36
CA PRO B 147 -20.96 -14.66 -1.40
C PRO B 147 -21.49 -13.29 -0.95
N GLU B 148 -21.57 -12.34 -1.87
CA GLU B 148 -22.25 -11.09 -1.60
C GLU B 148 -23.76 -11.35 -1.72
N PRO B 149 -24.59 -10.52 -1.08
CA PRO B 149 -24.14 -9.36 -0.29
C PRO B 149 -24.26 -9.57 1.21
N VAL B 150 -23.82 -8.57 1.97
CA VAL B 150 -24.34 -8.37 3.32
C VAL B 150 -25.09 -7.05 3.37
N THR B 151 -25.93 -6.91 4.39
CA THR B 151 -26.56 -5.62 4.69
C THR B 151 -26.32 -5.28 6.14
N LEU B 152 -25.78 -4.08 6.38
CA LEU B 152 -25.38 -3.67 7.72
C LEU B 152 -26.17 -2.42 8.12
N THR B 153 -26.73 -2.46 9.32
CA THR B 153 -27.49 -1.35 9.85
C THR B 153 -27.09 -1.03 11.29
N TRP B 154 -27.36 0.19 11.72
CA TRP B 154 -27.12 0.63 13.08
C TRP B 154 -28.47 0.85 13.77
N ASN B 155 -28.63 0.27 14.96
CA ASN B 155 -29.86 0.32 15.74
C ASN B 155 -31.10 -0.03 14.91
N SER B 156 -31.01 -1.14 14.17
CA SER B 156 -32.10 -1.69 13.35
C SER B 156 -32.59 -0.74 12.25
N GLY B 157 -31.74 0.21 11.85
CA GLY B 157 -32.09 1.16 10.81
C GLY B 157 -32.37 2.56 11.32
N SER B 158 -32.71 2.67 12.62
CA SER B 158 -33.10 3.95 13.23
C SER B 158 -31.95 4.95 13.36
N LEU B 159 -30.72 4.47 13.23
CA LEU B 159 -29.54 5.33 13.19
C LEU B 159 -28.96 5.25 11.77
N SER B 160 -29.25 6.29 11.01
CA SER B 160 -28.87 6.38 9.60
C SER B 160 -27.95 7.55 9.32
N SER B 161 -28.08 8.65 10.06
CA SER B 161 -27.22 9.82 9.89
C SER B 161 -25.83 9.53 10.45
N GLY B 162 -24.82 10.11 9.81
CA GLY B 162 -23.44 9.97 10.23
C GLY B 162 -22.86 8.59 9.98
N VAL B 163 -23.58 7.79 9.20
CA VAL B 163 -23.18 6.43 8.83
C VAL B 163 -22.40 6.38 7.50
N HIS B 164 -21.26 5.68 7.51
CA HIS B 164 -20.50 5.41 6.30
C HIS B 164 -20.29 3.91 6.21
N THR B 165 -20.92 3.28 5.23
CA THR B 165 -20.78 1.85 4.98
C THR B 165 -19.99 1.67 3.68
N PHE B 166 -18.80 1.10 3.81
CA PHE B 166 -17.82 1.02 2.73
C PHE B 166 -18.03 -0.20 1.86
N PRO B 167 -17.80 -0.08 0.53
CA PRO B 167 -17.99 -1.28 -0.31
C PRO B 167 -17.05 -2.45 0.10
N ALA B 168 -17.50 -3.67 -0.12
CA ALA B 168 -16.73 -4.87 0.25
C ALA B 168 -15.57 -5.04 -0.68
N VAL B 169 -14.47 -5.59 -0.15
CA VAL B 169 -13.25 -5.87 -0.88
C VAL B 169 -12.81 -7.32 -0.61
N LEU B 170 -12.19 -7.98 -1.61
CA LEU B 170 -11.73 -9.39 -1.45
C LEU B 170 -10.41 -9.48 -0.70
N GLN B 171 -10.42 -10.22 0.42
CA GLN B 171 -9.19 -10.57 1.16
C GLN B 171 -9.13 -12.08 1.31
N SER B 172 -8.31 -12.70 0.45
CA SER B 172 -8.15 -14.16 0.36
C SER B 172 -9.48 -14.91 0.08
N ASP B 173 -10.06 -14.63 -1.09
CA ASP B 173 -11.26 -15.29 -1.62
C ASP B 173 -12.55 -15.01 -0.85
N LEU B 174 -12.47 -14.17 0.18
CA LEU B 174 -13.62 -13.86 1.05
C LEU B 174 -13.79 -12.35 1.17
N TYR B 175 -15.02 -11.90 1.37
CA TYR B 175 -15.33 -10.48 1.45
C TYR B 175 -15.21 -9.93 2.88
N THR B 176 -14.77 -8.67 2.96
CA THR B 176 -14.68 -7.91 4.19
C THR B 176 -15.23 -6.52 3.92
N LEU B 177 -15.99 -6.04 4.88
CA LEU B 177 -16.70 -4.78 4.81
C LEU B 177 -16.58 -4.14 6.19
N SER B 178 -16.69 -2.82 6.21
CA SER B 178 -16.74 -2.04 7.43
C SER B 178 -17.74 -0.90 7.29
N SER B 179 -18.18 -0.37 8.43
CA SER B 179 -19.02 0.82 8.46
C SER B 179 -18.75 1.64 9.71
N SER B 180 -18.87 2.97 9.59
CA SER B 180 -18.64 3.86 10.71
C SER B 180 -19.89 4.69 11.00
N VAL B 181 -20.20 4.85 12.29
CA VAL B 181 -21.22 5.80 12.72
C VAL B 181 -20.62 6.84 13.65
N THR B 182 -20.90 8.10 13.39
CA THR B 182 -20.41 9.19 14.22
C THR B 182 -21.58 9.84 14.95
N VAL B 183 -21.51 9.84 16.28
CA VAL B 183 -22.51 10.49 17.11
C VAL B 183 -21.84 11.41 18.11
N THR B 184 -22.63 12.29 18.73
CA THR B 184 -22.11 13.24 19.72
C THR B 184 -21.67 12.44 20.96
N SER B 185 -20.68 12.95 21.71
CA SER B 185 -20.19 12.30 22.94
C SER B 185 -21.29 12.08 23.98
N SER B 186 -22.33 12.94 23.94
CA SER B 186 -23.46 12.82 24.88
C SER B 186 -24.38 11.62 24.56
N THR B 187 -24.28 11.10 23.33
CA THR B 187 -25.11 9.97 22.87
C THR B 187 -24.55 8.64 23.30
N TRP B 188 -23.22 8.48 23.21
CA TRP B 188 -22.57 7.20 23.51
C TRP B 188 -21.38 7.36 24.49
N PRO B 189 -21.16 6.41 25.45
CA PRO B 189 -21.89 5.17 25.72
C PRO B 189 -23.21 5.28 26.52
N SER B 190 -23.73 6.49 26.74
CA SER B 190 -25.01 6.71 27.47
C SER B 190 -26.18 5.92 26.87
N GLN B 191 -26.28 5.95 25.55
CA GLN B 191 -27.31 5.26 24.78
C GLN B 191 -26.66 4.11 24.02
N SER B 192 -27.46 3.10 23.75
CA SER B 192 -27.06 1.85 23.09
C SER B 192 -26.87 2.03 21.58
N ILE B 193 -25.73 1.59 21.06
CA ILE B 193 -25.45 1.58 19.62
C ILE B 193 -25.06 0.15 19.21
N THR B 194 -25.93 -0.45 18.39
CA THR B 194 -25.80 -1.83 17.93
C THR B 194 -25.69 -1.88 16.41
N CYS B 195 -24.78 -2.75 15.97
CA CYS B 195 -24.49 -3.08 14.59
C CYS B 195 -25.33 -4.31 14.23
N ASN B 196 -26.13 -4.23 13.16
CA ASN B 196 -26.97 -5.35 12.71
C ASN B 196 -26.57 -5.79 11.31
N VAL B 197 -26.06 -7.02 11.21
CA VAL B 197 -25.53 -7.60 9.98
C VAL B 197 -26.29 -8.84 9.54
N ALA B 198 -26.84 -8.77 8.31
CA ALA B 198 -27.57 -9.82 7.64
C ALA B 198 -26.69 -10.36 6.50
N HIS B 199 -26.62 -11.67 6.38
CA HIS B 199 -25.92 -12.35 5.29
C HIS B 199 -26.80 -13.52 4.93
N PRO B 200 -27.71 -13.30 3.97
CA PRO B 200 -28.74 -14.32 3.78
C PRO B 200 -28.27 -15.65 3.18
N ALA B 201 -27.15 -15.66 2.44
CA ALA B 201 -26.59 -16.88 1.84
C ALA B 201 -26.30 -17.97 2.86
N SER B 202 -25.84 -17.55 4.04
CA SER B 202 -25.53 -18.41 5.17
C SER B 202 -26.60 -18.30 6.26
N SER B 203 -27.70 -17.58 6.00
CA SER B 203 -28.78 -17.33 6.97
C SER B 203 -28.28 -16.70 8.28
N THR B 204 -27.42 -15.69 8.15
CA THR B 204 -26.86 -14.98 9.30
C THR B 204 -27.63 -13.71 9.56
N LYS B 205 -28.04 -13.51 10.82
CA LYS B 205 -28.57 -12.23 11.29
C LYS B 205 -28.00 -11.99 12.68
N VAL B 206 -26.92 -11.20 12.73
CA VAL B 206 -26.14 -10.91 13.94
C VAL B 206 -26.25 -9.43 14.38
N ASP B 207 -26.35 -9.20 15.70
CA ASP B 207 -26.39 -7.87 16.31
C ASP B 207 -25.20 -7.74 17.27
N LYS B 208 -24.36 -6.72 17.10
CA LYS B 208 -23.23 -6.50 18.00
C LYS B 208 -23.34 -5.15 18.64
N LYS B 209 -23.52 -5.13 19.96
CA LYS B 209 -23.53 -3.89 20.73
C LYS B 209 -22.09 -3.40 20.91
N ILE B 210 -21.87 -2.11 20.67
CA ILE B 210 -20.55 -1.48 20.78
C ILE B 210 -20.41 -1.01 22.22
N GLU B 211 -19.51 -1.65 22.94
CA GLU B 211 -19.25 -1.34 24.34
C GLU B 211 -17.90 -0.64 24.44
N PRO B 212 -17.73 0.23 25.45
CA PRO B 212 -16.43 0.87 25.64
C PRO B 212 -15.32 -0.08 26.08
N SER B 213 -14.09 0.29 25.70
CA SER B 213 -12.78 -0.35 25.98
C SER B 213 -12.28 -0.96 24.68
N ASP C 1 40.90 -1.80 28.55
CA ASP C 1 39.52 -1.27 28.73
C ASP C 1 38.50 -2.35 28.34
N VAL C 2 37.25 -2.15 28.80
CA VAL C 2 36.09 -3.04 28.59
C VAL C 2 35.76 -3.24 27.12
N GLN C 3 35.69 -4.50 26.68
CA GLN C 3 35.37 -4.82 25.30
C GLN C 3 34.40 -6.03 25.25
N LEU C 4 33.28 -5.87 24.53
CA LEU C 4 32.29 -6.95 24.40
C LEU C 4 32.19 -7.40 22.94
N GLN C 5 32.02 -8.71 22.74
CA GLN C 5 31.87 -9.29 21.40
C GLN C 5 30.76 -10.37 21.35
N GLU C 6 29.67 -10.05 20.64
CA GLU C 6 28.57 -10.99 20.43
C GLU C 6 28.96 -12.08 19.42
N SER C 7 28.47 -13.29 19.61
CA SER C 7 28.64 -14.36 18.61
C SER C 7 27.44 -15.30 18.61
N GLY C 8 27.14 -15.91 17.47
CA GLY C 8 26.03 -16.85 17.34
C GLY C 8 25.80 -17.38 15.94
N PRO C 9 24.75 -18.22 15.78
CA PRO C 9 24.44 -18.87 14.51
C PRO C 9 24.26 -18.00 13.27
N GLY C 10 23.70 -16.82 13.40
CA GLY C 10 23.45 -16.00 12.21
C GLY C 10 22.14 -16.33 11.50
N LEU C 11 21.92 -17.62 11.20
CA LEU C 11 20.71 -18.07 10.53
C LEU C 11 20.17 -19.32 11.20
N VAL C 12 18.90 -19.32 11.58
CA VAL C 12 18.23 -20.51 12.12
C VAL C 12 16.83 -20.66 11.51
N LYS C 13 16.20 -21.79 11.74
CA LYS C 13 14.88 -22.05 11.20
C LYS C 13 13.85 -21.79 12.26
N PRO C 14 12.62 -21.38 11.89
CA PRO C 14 11.58 -21.24 12.91
C PRO C 14 11.47 -22.53 13.74
N SER C 15 11.26 -22.38 15.06
CA SER C 15 11.09 -23.45 16.07
C SER C 15 12.39 -23.98 16.71
N GLN C 16 13.53 -23.60 16.15
CA GLN C 16 14.84 -23.99 16.69
C GLN C 16 15.18 -23.17 17.93
N SER C 17 16.05 -23.73 18.77
CA SER C 17 16.60 -23.00 19.91
C SER C 17 18.07 -22.69 19.70
N LEU C 18 18.60 -21.82 20.56
CA LEU C 18 19.59 -20.85 20.11
C LEU C 18 20.26 -20.18 21.30
N SER C 19 21.58 -20.12 21.27
CA SER C 19 22.34 -19.33 22.24
C SER C 19 23.19 -18.32 21.52
N LEU C 20 23.18 -17.09 22.03
CA LEU C 20 24.13 -16.06 21.60
C LEU C 20 25.12 -15.84 22.73
N THR C 21 26.40 -15.74 22.38
CA THR C 21 27.45 -15.56 23.36
C THR C 21 27.99 -14.13 23.32
N CYS C 22 28.18 -13.55 24.50
CA CYS C 22 28.87 -12.28 24.62
C CYS C 22 30.17 -12.52 25.41
N THR C 23 31.29 -12.39 24.70
CA THR C 23 32.60 -12.56 25.28
C THR C 23 33.07 -11.21 25.78
N VAL C 24 33.43 -11.14 27.06
CA VAL C 24 33.87 -9.90 27.66
C VAL C 24 35.37 -9.95 27.88
N THR C 25 36.06 -8.88 27.48
CA THR C 25 37.50 -8.74 27.74
C THR C 25 37.74 -7.44 28.51
N GLY C 26 38.83 -7.42 29.29
CA GLY C 26 39.25 -6.20 30.02
C GLY C 26 38.50 -5.86 31.30
N TYR C 27 37.38 -6.53 31.55
CA TYR C 27 36.62 -6.28 32.76
C TYR C 27 35.97 -7.60 33.21
N SER C 28 35.97 -7.87 34.51
CA SER C 28 35.34 -9.11 35.03
C SER C 28 33.84 -8.99 35.21
N ILE C 29 33.09 -9.93 34.62
CA ILE C 29 31.62 -9.91 34.73
C ILE C 29 31.11 -10.19 36.15
N THR C 30 32.01 -10.46 37.10
CA THR C 30 31.63 -10.69 38.49
C THR C 30 31.86 -9.45 39.35
N SER C 31 32.21 -8.33 38.72
CA SER C 31 32.48 -7.07 39.43
C SER C 31 31.37 -6.05 39.26
N ASN C 32 30.52 -5.92 40.28
CA ASN C 32 29.63 -4.76 40.42
C ASN C 32 28.50 -4.68 39.40
N TYR C 33 28.87 -4.70 38.12
CA TYR C 33 27.96 -4.34 37.04
C TYR C 33 27.02 -5.48 36.64
N ALA C 34 25.88 -5.11 36.05
CA ALA C 34 25.02 -6.07 35.36
C ALA C 34 25.41 -6.13 33.88
N TRP C 35 24.82 -7.09 33.16
CA TRP C 35 25.18 -7.36 31.78
C TRP C 35 23.90 -7.62 31.01
N ASN C 36 23.59 -6.74 30.06
CA ASN C 36 22.31 -6.71 29.37
C ASN C 36 22.36 -7.17 27.92
N TRP C 37 21.18 -7.60 27.46
CA TRP C 37 20.87 -7.99 26.10
C TRP C 37 19.74 -7.10 25.64
N ILE C 38 20.00 -6.37 24.56
CA ILE C 38 19.06 -5.44 23.97
C ILE C 38 19.08 -5.79 22.49
N ARG C 39 17.89 -6.03 21.98
CA ARG C 39 17.56 -6.44 20.63
C ARG C 39 17.05 -5.27 19.75
N GLN C 40 17.43 -5.23 18.47
CA GLN C 40 16.99 -4.13 17.57
C GLN C 40 16.32 -4.66 16.30
N PHE C 41 15.22 -4.01 15.89
CA PHE C 41 14.46 -4.46 14.72
C PHE C 41 14.55 -3.49 13.56
N PRO C 42 14.25 -3.95 12.31
CA PRO C 42 14.14 -3.01 11.19
C PRO C 42 13.02 -2.03 11.52
N GLY C 43 13.29 -0.74 11.35
CA GLY C 43 12.38 0.31 11.82
C GLY C 43 12.95 0.96 13.08
N ASN C 44 14.07 0.41 13.56
CA ASN C 44 14.92 0.94 14.63
C ASN C 44 14.47 0.71 16.06
N LYS C 45 13.36 0.00 16.25
CA LYS C 45 12.87 -0.27 17.59
C LYS C 45 13.92 -1.05 18.41
N LEU C 46 14.20 -0.52 19.60
CA LEU C 46 15.11 -1.16 20.52
C LEU C 46 14.21 -1.79 21.57
N GLU C 47 14.54 -3.02 21.92
CA GLU C 47 13.82 -3.79 22.89
C GLU C 47 14.80 -4.40 23.89
N TRP C 48 14.69 -3.98 25.15
CA TRP C 48 15.48 -4.51 26.25
C TRP C 48 14.93 -5.89 26.59
N MET C 49 15.84 -6.86 26.76
CA MET C 49 15.41 -8.22 27.03
C MET C 49 15.58 -8.63 28.48
N GLY C 50 16.74 -8.35 29.04
CA GLY C 50 17.05 -8.71 30.42
C GLY C 50 18.52 -8.49 30.73
N PHE C 51 18.86 -8.69 32.01
CA PHE C 51 20.24 -8.64 32.48
C PHE C 51 20.57 -9.74 33.46
N ILE C 52 21.87 -9.98 33.64
CA ILE C 52 22.42 -10.91 34.62
C ILE C 52 23.36 -10.07 35.49
N SER C 53 23.09 -10.05 36.80
CA SER C 53 23.85 -9.28 37.79
C SER C 53 25.33 -9.79 37.89
N SER C 54 26.15 -9.10 38.68
CA SER C 54 27.53 -9.56 38.85
C SER C 54 27.56 -10.84 39.72
N TYR C 55 26.49 -11.09 40.45
CA TYR C 55 26.36 -12.23 41.35
C TYR C 55 25.39 -13.31 40.81
N GLY C 56 25.19 -13.31 39.49
CA GLY C 56 24.48 -14.35 38.75
C GLY C 56 22.95 -14.35 38.77
N THR C 57 22.33 -13.27 39.26
CA THR C 57 20.85 -13.22 39.28
C THR C 57 20.34 -12.50 38.05
N THR C 58 19.16 -12.88 37.59
CA THR C 58 18.64 -12.32 36.36
C THR C 58 17.39 -11.46 36.60
N THR C 59 17.14 -10.58 35.63
CA THR C 59 15.98 -9.69 35.59
C THR C 59 15.57 -9.60 34.12
N TYR C 60 14.37 -10.05 33.80
CA TYR C 60 13.91 -10.10 32.40
C TYR C 60 12.81 -9.10 32.09
N ASN C 61 12.57 -8.94 30.80
CA ASN C 61 11.43 -8.16 30.34
C ASN C 61 10.20 -9.09 30.45
N PRO C 62 9.25 -8.77 31.34
CA PRO C 62 8.06 -9.64 31.49
C PRO C 62 7.01 -9.54 30.36
N SER C 63 7.07 -8.48 29.56
CA SER C 63 6.06 -8.19 28.52
C SER C 63 6.34 -8.81 27.16
N LEU C 64 7.43 -9.57 27.03
CA LEU C 64 7.80 -10.11 25.73
C LEU C 64 7.18 -11.49 25.45
N LYS C 65 6.91 -11.78 24.18
CA LYS C 65 6.30 -13.04 23.76
C LYS C 65 7.34 -14.11 23.50
N SER C 66 8.58 -13.68 23.23
CA SER C 66 9.68 -14.60 23.03
C SER C 66 10.02 -15.26 24.36
N ARG C 67 10.29 -16.57 24.31
CA ARG C 67 10.76 -17.37 25.45
C ARG C 67 12.27 -17.34 25.41
N PHE C 68 12.85 -16.82 26.49
CA PHE C 68 14.30 -16.68 26.61
C PHE C 68 14.75 -16.63 28.07
N SER C 69 16.03 -16.85 28.24
CA SER C 69 16.68 -16.76 29.54
C SER C 69 18.11 -16.31 29.30
N ILE C 70 18.73 -15.77 30.33
CA ILE C 70 20.13 -15.32 30.29
C ILE C 70 20.92 -16.12 31.32
N THR C 71 22.07 -16.67 30.89
CA THR C 71 22.98 -17.42 31.74
C THR C 71 24.40 -16.87 31.56
N ARG C 72 25.34 -17.43 32.32
CA ARG C 72 26.73 -17.02 32.25
C ARG C 72 27.68 -18.17 32.53
N ASP C 73 28.95 -17.97 32.18
CA ASP C 73 30.09 -18.83 32.48
C ASP C 73 31.21 -17.88 32.96
N THR C 74 31.30 -17.70 34.27
CA THR C 74 32.28 -16.78 34.85
C THR C 74 33.73 -17.12 34.51
N SER C 75 34.07 -18.42 34.49
CA SER C 75 35.42 -18.86 34.14
C SER C 75 35.86 -18.46 32.73
N LYS C 76 34.92 -18.40 31.79
CA LYS C 76 35.20 -17.99 30.40
C LYS C 76 34.95 -16.50 30.19
N ASN C 77 34.44 -15.82 31.24
CA ASN C 77 34.04 -14.41 31.23
C ASN C 77 33.05 -14.11 30.10
N GLN C 78 32.01 -14.96 30.03
CA GLN C 78 30.94 -14.89 29.01
C GLN C 78 29.56 -14.98 29.63
N PHE C 79 28.63 -14.23 29.03
CA PHE C 79 27.21 -14.34 29.35
C PHE C 79 26.45 -14.65 28.07
N PHE C 80 25.32 -15.38 28.21
CA PHE C 80 24.57 -15.89 27.07
C PHE C 80 23.10 -15.49 27.10
N LEU C 81 22.51 -15.41 25.90
CA LEU C 81 21.09 -15.22 25.70
C LEU C 81 20.57 -16.51 25.07
N GLN C 82 19.77 -17.23 25.81
CA GLN C 82 19.20 -18.48 25.33
C GLN C 82 17.85 -18.17 24.73
N LEU C 83 17.73 -18.31 23.42
CA LEU C 83 16.46 -18.06 22.73
C LEU C 83 15.82 -19.39 22.42
N HIS C 84 14.60 -19.58 22.93
CA HIS C 84 13.89 -20.83 22.83
C HIS C 84 12.76 -20.75 21.81
N SER C 85 12.72 -21.72 20.88
CA SER C 85 11.67 -21.85 19.85
C SER C 85 11.38 -20.54 19.11
N VAL C 86 12.37 -20.06 18.37
CA VAL C 86 12.29 -18.76 17.71
C VAL C 86 11.26 -18.71 16.58
N THR C 87 10.78 -17.51 16.30
CA THR C 87 9.85 -17.24 15.21
C THR C 87 10.52 -16.24 14.27
N ILE C 88 9.95 -16.06 13.10
CA ILE C 88 10.42 -15.10 12.10
C ILE C 88 10.51 -13.68 12.70
N GLU C 89 9.66 -13.41 13.69
CA GLU C 89 9.59 -12.13 14.39
C GLU C 89 10.79 -11.83 15.31
N ASP C 90 11.65 -12.84 15.53
CA ASP C 90 12.87 -12.70 16.36
C ASP C 90 14.09 -12.25 15.52
N THR C 91 13.90 -12.11 14.19
CA THR C 91 14.92 -11.61 13.25
C THR C 91 15.30 -10.17 13.60
N GLY C 92 16.60 -9.89 13.69
CA GLY C 92 17.11 -8.56 14.04
C GLY C 92 18.55 -8.55 14.54
N THR C 93 18.97 -7.42 15.10
CA THR C 93 20.29 -7.30 15.65
C THR C 93 20.24 -7.40 17.19
N TYR C 94 21.14 -8.19 17.73
CA TYR C 94 21.21 -8.48 19.13
C TYR C 94 22.50 -7.89 19.65
N PHE C 95 22.39 -6.98 20.62
CA PHE C 95 23.53 -6.32 21.24
C PHE C 95 23.66 -6.74 22.68
N CYS C 96 24.90 -6.94 23.09
CA CYS C 96 25.22 -7.15 24.47
C CYS C 96 25.91 -5.86 24.90
N THR C 97 25.73 -5.53 26.16
CA THR C 97 26.26 -4.33 26.76
C THR C 97 26.50 -4.66 28.23
N ARG C 98 27.17 -3.75 28.93
CA ARG C 98 27.34 -3.89 30.36
C ARG C 98 26.09 -3.22 30.90
N GLU C 99 26.13 -1.92 31.14
CA GLU C 99 24.93 -1.18 31.54
C GLU C 99 24.69 0.03 30.64
N GLY C 100 24.72 -0.19 29.33
CA GLY C 100 24.54 0.88 28.34
C GLY C 100 25.76 1.76 28.14
N ASP C 101 26.82 1.49 28.90
CA ASP C 101 28.05 2.28 28.84
C ASP C 101 29.05 1.70 27.81
N TYR C 102 29.15 0.38 27.76
CA TYR C 102 29.99 -0.33 26.79
C TYR C 102 29.11 -1.31 26.09
N TRP C 103 29.34 -1.47 24.79
CA TRP C 103 28.52 -2.24 23.88
C TRP C 103 29.40 -3.06 22.97
N GLY C 104 28.88 -4.22 22.54
CA GLY C 104 29.46 -4.98 21.41
C GLY C 104 29.04 -4.43 20.03
N GLN C 105 29.59 -5.01 18.96
CA GLN C 105 29.31 -4.60 17.58
C GLN C 105 27.87 -4.97 17.15
N GLY C 106 27.27 -5.94 17.84
CA GLY C 106 25.94 -6.45 17.50
C GLY C 106 26.02 -7.66 16.58
N THR C 107 25.09 -8.58 16.74
CA THR C 107 25.06 -9.80 15.92
C THR C 107 23.70 -9.97 15.26
N THR C 108 23.74 -10.22 13.95
CA THR C 108 22.56 -10.34 13.13
C THR C 108 21.99 -11.75 13.18
N LEU C 109 20.73 -11.84 13.57
CA LEU C 109 20.03 -13.10 13.61
C LEU C 109 18.91 -13.08 12.59
N THR C 110 18.92 -14.05 11.68
CA THR C 110 17.85 -14.25 10.73
C THR C 110 17.15 -15.57 11.09
N VAL C 111 15.82 -15.53 11.18
CA VAL C 111 15.01 -16.70 11.43
C VAL C 111 14.14 -16.82 10.17
N SER C 112 14.44 -17.83 9.37
CA SER C 112 13.80 -18.09 8.09
C SER C 112 13.86 -19.59 7.78
N SER C 113 12.80 -20.10 7.14
CA SER C 113 12.74 -21.51 6.75
C SER C 113 13.22 -21.68 5.29
N ALA C 114 13.75 -20.60 4.72
CA ALA C 114 14.18 -20.56 3.32
C ALA C 114 15.50 -21.30 3.08
N LYS C 115 15.61 -21.84 1.86
CA LYS C 115 16.81 -22.50 1.33
C LYS C 115 17.60 -21.51 0.50
N THR C 116 18.91 -21.74 0.38
CA THR C 116 19.78 -20.92 -0.44
C THR C 116 19.18 -20.90 -1.85
N THR C 117 18.82 -19.72 -2.31
CA THR C 117 18.21 -19.53 -3.62
C THR C 117 19.02 -18.48 -4.36
N ALA C 118 19.42 -18.80 -5.60
CA ALA C 118 20.11 -17.86 -6.51
C ALA C 118 19.11 -16.84 -7.06
N PRO C 119 19.48 -15.55 -7.15
CA PRO C 119 18.53 -14.58 -7.72
C PRO C 119 18.36 -14.69 -9.24
N SER C 120 17.24 -14.15 -9.70
CA SER C 120 16.94 -13.98 -11.11
C SER C 120 17.29 -12.52 -11.39
N VAL C 121 18.12 -12.27 -12.39
CA VAL C 121 18.53 -10.88 -12.66
C VAL C 121 17.87 -10.41 -13.95
N TYR C 122 17.11 -9.34 -13.87
CA TYR C 122 16.35 -8.84 -15.01
C TYR C 122 16.78 -7.42 -15.39
N PRO C 123 17.07 -7.17 -16.69
CA PRO C 123 17.43 -5.81 -17.10
C PRO C 123 16.21 -4.92 -17.20
N LEU C 124 16.35 -3.64 -16.89
CA LEU C 124 15.21 -2.71 -16.97
C LEU C 124 15.52 -1.55 -17.92
N ALA C 125 15.10 -1.73 -19.16
CA ALA C 125 15.20 -0.73 -20.22
C ALA C 125 13.99 0.21 -20.16
N PRO C 126 14.12 1.50 -20.57
CA PRO C 126 12.99 2.43 -20.47
C PRO C 126 11.76 2.03 -21.28
N VAL C 127 10.60 2.60 -20.94
CA VAL C 127 9.36 2.32 -21.67
C VAL C 127 9.39 2.98 -23.07
N CYS C 128 8.72 2.37 -24.05
CA CYS C 128 8.63 2.92 -25.41
C CYS C 128 7.92 4.28 -25.40
N GLY C 133 13.95 13.15 -23.45
CA GLY C 133 14.62 14.01 -22.49
C GLY C 133 16.14 14.05 -22.62
N SER C 134 16.78 14.86 -21.78
CA SER C 134 18.25 15.02 -21.77
C SER C 134 18.96 13.81 -21.13
N SER C 135 18.34 13.23 -20.09
CA SER C 135 18.88 12.07 -19.38
C SER C 135 18.01 10.84 -19.55
N VAL C 136 18.58 9.67 -19.25
CA VAL C 136 17.93 8.37 -19.35
C VAL C 136 18.19 7.57 -18.07
N THR C 137 17.12 6.99 -17.47
CA THR C 137 17.27 6.12 -16.31
C THR C 137 17.04 4.66 -16.72
N LEU C 138 18.01 3.82 -16.36
CA LEU C 138 17.98 2.38 -16.58
C LEU C 138 17.97 1.71 -15.22
N GLY C 139 17.60 0.45 -15.18
CA GLY C 139 17.58 -0.30 -13.92
C GLY C 139 17.91 -1.76 -14.02
N CYS C 140 17.91 -2.38 -12.86
CA CYS C 140 18.22 -3.80 -12.71
C CYS C 140 17.42 -4.37 -11.56
N LEU C 141 16.70 -5.46 -11.81
CA LEU C 141 15.90 -6.13 -10.78
C LEU C 141 16.53 -7.46 -10.38
N VAL C 142 16.96 -7.53 -9.12
CA VAL C 142 17.54 -8.74 -8.54
C VAL C 142 16.46 -9.39 -7.67
N LYS C 143 15.89 -10.48 -8.17
CA LYS C 143 14.69 -11.07 -7.56
C LYS C 143 14.82 -12.52 -7.08
N GLY C 144 14.24 -12.77 -5.91
CA GLY C 144 14.11 -14.10 -5.32
C GLY C 144 15.37 -14.77 -4.90
N TYR C 145 16.16 -14.09 -4.06
CA TYR C 145 17.38 -14.69 -3.48
C TYR C 145 17.33 -14.85 -1.98
N PHE C 146 18.22 -15.72 -1.50
CA PHE C 146 18.38 -16.02 -0.09
C PHE C 146 19.69 -16.75 0.12
N PRO C 147 20.48 -16.39 1.15
CA PRO C 147 20.28 -15.31 2.10
C PRO C 147 20.99 -14.04 1.61
N GLU C 148 21.01 -13.00 2.44
CA GLU C 148 21.81 -11.80 2.14
C GLU C 148 23.30 -12.18 2.30
N PRO C 149 24.23 -11.48 1.59
CA PRO C 149 24.03 -10.31 0.75
C PRO C 149 24.11 -10.57 -0.76
N VAL C 150 23.75 -9.55 -1.54
CA VAL C 150 24.08 -9.48 -2.95
C VAL C 150 24.88 -8.18 -3.10
N THR C 151 25.77 -8.13 -4.06
CA THR C 151 26.44 -6.89 -4.42
C THR C 151 26.18 -6.62 -5.89
N LEU C 152 25.73 -5.41 -6.17
CA LEU C 152 25.36 -4.97 -7.50
C LEU C 152 26.22 -3.78 -7.92
N THR C 153 26.80 -3.88 -9.11
CA THR C 153 27.60 -2.80 -9.71
C THR C 153 27.17 -2.60 -11.15
N TRP C 154 27.51 -1.44 -11.70
CA TRP C 154 27.25 -1.10 -13.10
C TRP C 154 28.61 -0.96 -13.78
N ASN C 155 28.77 -1.61 -14.94
CA ASN C 155 30.02 -1.63 -15.72
C ASN C 155 31.25 -1.94 -14.86
N SER C 156 31.14 -3.04 -14.10
CA SER C 156 32.18 -3.55 -13.20
C SER C 156 32.66 -2.52 -12.12
N GLY C 157 31.82 -1.54 -11.82
CA GLY C 157 32.11 -0.53 -10.81
C GLY C 157 32.55 0.81 -11.38
N SER C 158 32.82 0.87 -12.69
CA SER C 158 33.31 2.11 -13.32
C SER C 158 32.21 3.15 -13.47
N LEU C 159 30.96 2.72 -13.39
CA LEU C 159 29.80 3.60 -13.41
C LEU C 159 29.20 3.61 -11.99
N SER C 160 29.63 4.59 -11.19
CA SER C 160 29.22 4.75 -9.76
C SER C 160 28.34 5.97 -9.51
N SER C 161 28.54 7.04 -10.28
CA SER C 161 27.69 8.23 -10.21
C SER C 161 26.32 7.94 -10.81
N GLY C 162 25.31 8.59 -10.26
CA GLY C 162 23.93 8.45 -10.74
C GLY C 162 23.31 7.10 -10.43
N VAL C 163 23.96 6.33 -9.55
CA VAL C 163 23.52 5.00 -9.14
C VAL C 163 22.74 5.03 -7.81
N HIS C 164 21.60 4.35 -7.79
CA HIS C 164 20.78 4.19 -6.59
C HIS C 164 20.51 2.72 -6.41
N THR C 165 21.15 2.11 -5.42
CA THR C 165 20.94 0.71 -5.08
C THR C 165 20.15 0.67 -3.77
N PHE C 166 18.94 0.12 -3.87
CA PHE C 166 17.97 0.11 -2.79
C PHE C 166 18.15 -1.10 -1.85
N PRO C 167 17.89 -0.93 -0.54
CA PRO C 167 18.00 -2.08 0.38
C PRO C 167 17.07 -3.22 -0.02
N ALA C 168 17.45 -4.45 0.33
CA ALA C 168 16.65 -5.63 0.00
C ALA C 168 15.42 -5.68 0.90
N VAL C 169 14.33 -6.27 0.39
CA VAL C 169 13.05 -6.39 1.09
C VAL C 169 12.52 -7.84 0.96
N LEU C 170 11.88 -8.37 2.01
CA LEU C 170 11.38 -9.77 1.95
C LEU C 170 10.06 -9.89 1.20
N GLN C 171 10.05 -10.67 0.12
CA GLN C 171 8.84 -11.03 -0.59
C GLN C 171 8.76 -12.55 -0.62
N SER C 172 7.86 -13.08 0.20
CA SER C 172 7.60 -14.52 0.35
C SER C 172 8.84 -15.35 0.73
N ASP C 173 9.45 -14.97 1.86
CA ASP C 173 10.63 -15.65 2.44
C ASP C 173 11.95 -15.44 1.65
N LEU C 174 11.88 -14.72 0.52
CA LEU C 174 13.04 -14.43 -0.33
C LEU C 174 13.26 -12.92 -0.50
N TYR C 175 14.51 -12.52 -0.73
CA TYR C 175 14.88 -11.12 -0.89
C TYR C 175 14.88 -10.68 -2.35
N THR C 176 14.44 -9.43 -2.55
CA THR C 176 14.40 -8.74 -3.82
C THR C 176 15.03 -7.36 -3.63
N LEU C 177 15.82 -6.98 -4.61
CA LEU C 177 16.59 -5.78 -4.61
C LEU C 177 16.52 -5.19 -6.02
N SER C 178 16.71 -3.88 -6.11
CA SER C 178 16.82 -3.17 -7.39
C SER C 178 17.84 -2.04 -7.27
N SER C 179 18.38 -1.66 -8.44
CA SER C 179 19.31 -0.56 -8.61
C SER C 179 18.89 0.26 -9.85
N SER C 180 19.01 1.57 -9.75
CA SER C 180 18.80 2.45 -10.89
C SER C 180 20.09 3.17 -11.25
N VAL C 181 20.29 3.42 -12.54
CA VAL C 181 21.40 4.23 -13.01
C VAL C 181 20.91 5.27 -14.01
N THR C 182 21.38 6.50 -13.86
CA THR C 182 20.95 7.62 -14.69
C THR C 182 22.13 8.21 -15.46
N VAL C 183 22.02 8.20 -16.79
CA VAL C 183 23.05 8.73 -17.66
C VAL C 183 22.42 9.68 -18.70
N THR C 184 23.24 10.47 -19.37
CA THR C 184 22.75 11.38 -20.41
C THR C 184 22.30 10.57 -21.64
N SER C 185 21.27 11.05 -22.36
CA SER C 185 20.74 10.36 -23.55
C SER C 185 21.82 10.03 -24.60
N SER C 186 22.87 10.86 -24.67
CA SER C 186 24.00 10.62 -25.58
C SER C 186 24.88 9.41 -25.18
N THR C 187 24.83 9.02 -23.90
CA THR C 187 25.60 7.87 -23.39
C THR C 187 24.96 6.54 -23.74
N TRP C 188 23.63 6.44 -23.66
CA TRP C 188 22.93 5.17 -23.89
C TRP C 188 21.80 5.32 -24.93
N PRO C 189 21.61 4.33 -25.85
CA PRO C 189 22.29 3.02 -26.02
C PRO C 189 23.64 3.04 -26.69
N SER C 190 24.14 4.22 -27.07
CA SER C 190 25.41 4.35 -27.78
C SER C 190 26.53 3.54 -27.11
N GLN C 191 26.63 3.68 -25.78
CA GLN C 191 27.60 2.96 -24.98
C GLN C 191 26.92 1.88 -24.13
N SER C 192 27.70 0.85 -23.84
CA SER C 192 27.25 -0.34 -23.14
C SER C 192 27.03 -0.06 -21.65
N ILE C 193 25.88 -0.45 -21.13
CA ILE C 193 25.61 -0.40 -19.69
C ILE C 193 25.18 -1.77 -19.21
N THR C 194 26.04 -2.36 -18.37
CA THR C 194 25.86 -3.70 -17.85
C THR C 194 25.73 -3.67 -16.33
N CYS C 195 24.80 -4.49 -15.84
CA CYS C 195 24.47 -4.67 -14.44
C CYS C 195 25.20 -5.95 -13.99
N ASN C 196 26.11 -5.83 -13.03
CA ASN C 196 26.86 -6.99 -12.51
C ASN C 196 26.35 -7.36 -11.11
N VAL C 197 25.86 -8.60 -10.92
CA VAL C 197 25.29 -9.04 -9.65
C VAL C 197 26.06 -10.23 -9.11
N ALA C 198 26.47 -10.13 -7.83
CA ALA C 198 27.16 -11.19 -7.06
C ALA C 198 26.26 -11.66 -5.93
N HIS C 199 26.06 -12.99 -5.79
CA HIS C 199 25.35 -13.59 -4.65
C HIS C 199 26.16 -14.81 -4.27
N PRO C 200 27.11 -14.64 -3.33
CA PRO C 200 28.08 -15.72 -3.11
C PRO C 200 27.53 -17.00 -2.48
N ALA C 201 26.44 -16.91 -1.71
CA ALA C 201 25.82 -18.07 -1.05
C ALA C 201 25.41 -19.18 -2.03
N SER C 202 24.96 -18.75 -3.22
CA SER C 202 24.57 -19.64 -4.30
C SER C 202 25.60 -19.65 -5.43
N SER C 203 26.75 -18.99 -5.24
CA SER C 203 27.81 -18.88 -6.24
C SER C 203 27.33 -18.24 -7.55
N THR C 204 26.60 -17.13 -7.41
CA THR C 204 26.08 -16.40 -8.55
C THR C 204 27.00 -15.22 -8.84
N LYS C 205 27.42 -15.09 -10.10
CA LYS C 205 28.09 -13.90 -10.62
C LYS C 205 27.56 -13.70 -12.04
N VAL C 206 26.59 -12.80 -12.17
CA VAL C 206 25.83 -12.56 -13.41
C VAL C 206 26.04 -11.14 -13.96
N ASP C 207 26.16 -11.01 -15.29
CA ASP C 207 26.24 -9.71 -15.98
C ASP C 207 25.03 -9.56 -16.93
N LYS C 208 24.21 -8.51 -16.73
CA LYS C 208 23.08 -8.25 -17.63
C LYS C 208 23.24 -6.92 -18.36
N LYS C 209 23.41 -7.00 -19.68
CA LYS C 209 23.49 -5.80 -20.51
C LYS C 209 22.08 -5.28 -20.68
N ILE C 210 21.91 -3.98 -20.46
CA ILE C 210 20.64 -3.34 -20.66
C ILE C 210 20.54 -2.96 -22.15
N GLU C 211 19.58 -3.59 -22.83
CA GLU C 211 19.33 -3.39 -24.24
C GLU C 211 17.99 -2.66 -24.39
N PRO C 212 17.81 -1.87 -25.47
CA PRO C 212 16.51 -1.22 -25.71
C PRO C 212 15.39 -2.20 -26.10
N ASP D 1 3.40 -0.98 30.82
CA ASP D 1 4.82 -0.55 30.73
C ASP D 1 4.93 0.94 30.45
N VAL D 2 6.15 1.49 30.52
CA VAL D 2 6.37 2.91 30.28
C VAL D 2 6.56 3.10 28.79
N VAL D 3 5.71 3.93 28.19
CA VAL D 3 5.83 4.26 26.77
C VAL D 3 6.61 5.56 26.63
N LEU D 4 7.67 5.55 25.83
CA LEU D 4 8.44 6.76 25.52
C LEU D 4 8.19 7.20 24.08
N THR D 5 7.73 8.44 23.91
CA THR D 5 7.40 8.97 22.59
C THR D 5 8.30 10.15 22.20
N GLN D 6 8.98 9.98 21.07
CA GLN D 6 9.93 10.97 20.59
C GLN D 6 9.31 11.89 19.56
N THR D 7 9.70 13.17 19.65
CA THR D 7 9.30 14.22 18.73
C THR D 7 10.52 15.08 18.41
N PRO D 8 10.77 15.38 17.11
CA PRO D 8 10.06 14.91 15.91
C PRO D 8 10.61 13.55 15.50
N LEU D 9 10.06 12.89 14.49
CA LEU D 9 10.61 11.60 14.03
C LEU D 9 11.90 11.80 13.20
N SER D 10 11.96 12.92 12.50
CA SER D 10 13.09 13.29 11.67
C SER D 10 13.42 14.76 11.92
N LEU D 11 14.71 15.05 12.18
CA LEU D 11 15.13 16.43 12.45
C LEU D 11 16.20 16.93 11.45
N PRO D 12 15.77 17.64 10.40
CA PRO D 12 16.71 18.22 9.44
C PRO D 12 17.38 19.51 9.96
N VAL D 13 18.70 19.51 9.95
CA VAL D 13 19.49 20.63 10.42
C VAL D 13 20.59 20.94 9.45
N SER D 14 21.24 22.08 9.71
CA SER D 14 22.46 22.49 9.06
C SER D 14 23.55 22.36 10.11
N LEU D 15 24.76 22.02 9.68
CA LEU D 15 25.92 21.95 10.59
C LEU D 15 26.17 23.32 11.18
N GLY D 16 26.45 23.35 12.48
CA GLY D 16 26.63 24.61 13.20
C GLY D 16 25.41 25.04 13.98
N ASP D 17 24.23 24.55 13.57
CA ASP D 17 22.99 24.96 14.18
C ASP D 17 22.68 24.23 15.48
N GLN D 18 21.74 24.80 16.22
CA GLN D 18 21.23 24.26 17.47
C GLN D 18 20.11 23.28 17.12
N ALA D 19 20.02 22.19 17.88
CA ALA D 19 19.02 21.15 17.65
C ALA D 19 18.48 20.64 18.97
N SER D 20 17.16 20.45 19.03
CA SER D 20 16.50 20.03 20.25
C SER D 20 15.49 18.92 19.97
N ILE D 21 15.66 17.77 20.66
CA ILE D 21 14.79 16.59 20.55
C ILE D 21 14.00 16.42 21.84
N SER D 22 12.72 16.07 21.72
CA SER D 22 11.84 15.91 22.86
C SER D 22 11.44 14.45 23.06
N CYS D 23 11.22 14.09 24.32
CA CYS D 23 10.78 12.75 24.70
C CYS D 23 9.65 12.85 25.72
N ARG D 24 8.50 12.22 25.44
CA ARG D 24 7.34 12.24 26.31
C ARG D 24 7.15 10.87 26.95
N SER D 25 7.09 10.84 28.28
CA SER D 25 6.92 9.62 29.04
C SER D 25 5.46 9.40 29.48
N SER D 26 4.99 8.16 29.46
CA SER D 26 3.61 7.83 29.89
C SER D 26 3.50 7.84 31.43
N GLN D 27 4.63 7.75 32.11
CA GLN D 27 4.68 7.78 33.56
C GLN D 27 5.77 8.73 34.04
N ARG D 28 5.82 8.94 35.36
CA ARG D 28 6.90 9.67 35.98
C ARG D 28 8.04 8.72 36.25
N LEU D 29 9.26 9.22 36.13
CA LEU D 29 10.45 8.39 36.09
C LEU D 29 11.37 8.64 37.28
N VAL D 30 10.80 9.09 38.40
CA VAL D 30 11.57 9.28 39.63
C VAL D 30 11.67 7.95 40.37
N HIS D 31 12.90 7.47 40.51
CA HIS D 31 13.18 6.22 41.21
C HIS D 31 13.06 6.42 42.73
N SER D 32 12.92 5.31 43.46
CA SER D 32 12.91 5.30 44.93
C SER D 32 14.07 6.09 45.52
N ASN D 33 15.27 5.96 44.92
CA ASN D 33 16.46 6.68 45.40
C ASN D 33 16.47 8.20 45.12
N GLY D 34 15.51 8.68 44.34
CA GLY D 34 15.37 10.11 44.03
C GLY D 34 15.84 10.51 42.63
N ASN D 35 16.59 9.62 41.98
CA ASN D 35 17.11 9.87 40.63
C ASN D 35 16.08 9.67 39.56
N ILE D 36 16.25 10.39 38.44
CA ILE D 36 15.41 10.19 37.26
C ILE D 36 16.26 9.49 36.20
N TYR D 37 15.98 8.21 36.00
CA TYR D 37 16.70 7.35 35.04
C TYR D 37 16.15 7.52 33.63
N LEU D 38 16.41 8.70 33.06
CA LEU D 38 16.07 9.06 31.69
C LEU D 38 17.42 9.34 31.04
N HIS D 39 17.74 8.54 30.03
CA HIS D 39 19.04 8.57 29.36
C HIS D 39 18.83 8.83 27.86
N TRP D 40 19.90 9.27 27.20
CA TRP D 40 19.88 9.50 25.77
C TRP D 40 21.09 8.80 25.12
N PHE D 41 20.81 8.05 24.05
CA PHE D 41 21.81 7.35 23.28
C PHE D 41 21.80 7.88 21.84
N LEU D 42 22.93 7.84 21.15
CA LEU D 42 23.03 8.18 19.72
C LEU D 42 23.51 6.93 19.00
N GLN D 43 22.88 6.61 17.88
CA GLN D 43 23.27 5.44 17.09
C GLN D 43 23.68 5.88 15.70
N LYS D 44 24.97 5.73 15.39
CA LYS D 44 25.48 6.07 14.07
C LYS D 44 25.33 4.87 13.13
N PRO D 45 25.19 5.10 11.80
CA PRO D 45 24.97 3.96 10.91
C PRO D 45 26.01 2.82 11.05
N GLY D 46 25.50 1.59 11.04
CA GLY D 46 26.31 0.37 11.13
C GLY D 46 26.93 0.09 12.48
N GLN D 47 26.60 0.94 13.47
CA GLN D 47 27.14 0.85 14.83
C GLN D 47 26.05 0.56 15.86
N SER D 48 26.48 0.38 17.09
CA SER D 48 25.60 0.12 18.22
C SER D 48 25.24 1.47 18.83
N PRO D 49 24.15 1.56 19.64
CA PRO D 49 23.88 2.83 20.32
C PRO D 49 24.99 3.17 21.31
N LYS D 50 25.25 4.45 21.51
CA LYS D 50 26.27 4.91 22.45
C LYS D 50 25.70 5.95 23.42
N LEU D 51 26.05 5.83 24.69
CA LEU D 51 25.44 6.66 25.73
C LEU D 51 25.95 8.09 25.64
N LEU D 52 25.02 9.04 25.58
CA LEU D 52 25.35 10.46 25.65
C LEU D 52 25.02 11.02 27.01
N ILE D 53 23.74 10.99 27.37
CA ILE D 53 23.26 11.55 28.63
C ILE D 53 22.53 10.50 29.45
N TYR D 54 22.89 10.41 30.73
CA TYR D 54 22.21 9.52 31.67
C TYR D 54 21.77 10.30 32.92
N LYS D 55 20.87 9.70 33.68
CA LYS D 55 20.31 10.32 34.87
C LYS D 55 19.81 11.73 34.56
N LEU D 56 19.08 11.87 33.46
CA LEU D 56 18.41 13.13 33.11
C LEU D 56 19.38 14.15 32.50
N SER D 57 20.46 14.44 33.23
CA SER D 57 21.33 15.56 32.87
C SER D 57 22.85 15.33 32.97
N SER D 58 23.31 14.17 33.42
CA SER D 58 24.75 13.88 33.47
C SER D 58 25.30 13.50 32.10
N ARG D 59 26.44 14.09 31.69
CA ARG D 59 27.13 13.76 30.45
C ARG D 59 28.05 12.56 30.69
N PHE D 60 27.97 11.54 29.85
CA PHE D 60 28.83 10.37 29.96
C PHE D 60 30.27 10.73 29.54
N SER D 61 31.23 9.95 30.02
CA SER D 61 32.66 10.18 29.75
C SER D 61 32.95 10.31 28.27
N GLY D 62 33.67 11.36 27.89
CA GLY D 62 34.01 11.64 26.50
C GLY D 62 32.96 12.39 25.70
N VAL D 63 31.79 12.62 26.29
CA VAL D 63 30.71 13.36 25.62
C VAL D 63 30.94 14.87 25.78
N PRO D 64 31.01 15.62 24.67
CA PRO D 64 31.26 17.06 24.78
C PRO D 64 30.09 17.88 25.36
N ASP D 65 30.41 19.07 25.89
CA ASP D 65 29.47 19.99 26.56
C ASP D 65 28.36 20.60 25.68
N ARG D 66 28.43 20.36 24.37
CA ARG D 66 27.40 20.78 23.43
C ARG D 66 26.09 19.98 23.63
N PHE D 67 26.21 18.78 24.22
CA PHE D 67 25.02 17.95 24.53
C PHE D 67 24.55 18.24 25.95
N SER D 68 23.27 18.51 26.13
CA SER D 68 22.70 18.71 27.46
C SER D 68 21.30 18.14 27.53
N GLY D 69 20.97 17.61 28.70
CA GLY D 69 19.71 16.94 28.93
C GLY D 69 18.93 17.72 29.96
N SER D 70 17.64 17.87 29.71
CA SER D 70 16.74 18.63 30.57
C SER D 70 15.43 17.88 30.66
N GLY D 71 14.62 18.27 31.63
CA GLY D 71 13.30 17.67 31.79
C GLY D 71 12.77 17.68 33.19
N SER D 72 11.46 17.49 33.28
CA SER D 72 10.72 17.32 34.52
C SER D 72 9.43 16.57 34.21
N GLY D 73 9.01 15.71 35.13
CA GLY D 73 7.77 14.96 35.02
C GLY D 73 7.70 13.97 33.89
N THR D 74 6.93 14.30 32.86
CA THR D 74 6.79 13.43 31.70
C THR D 74 7.42 13.99 30.41
N ASP D 75 7.85 15.24 30.44
CA ASP D 75 8.45 15.93 29.29
C ASP D 75 9.98 16.11 29.52
N PHE D 76 10.76 15.50 28.64
CA PHE D 76 12.22 15.51 28.69
C PHE D 76 12.78 15.98 27.36
N THR D 77 13.93 16.65 27.39
CA THR D 77 14.53 17.27 26.20
C THR D 77 16.03 17.05 26.14
N LEU D 78 16.53 16.79 24.93
CA LEU D 78 17.98 16.75 24.65
C LEU D 78 18.29 17.89 23.69
N LYS D 79 19.27 18.71 24.10
CA LYS D 79 19.76 19.85 23.29
C LYS D 79 21.20 19.65 22.84
N ILE D 80 21.45 19.92 21.56
CA ILE D 80 22.76 19.92 20.93
C ILE D 80 22.97 21.39 20.54
N SER D 81 23.95 22.07 21.13
CA SER D 81 24.14 23.51 20.92
C SER D 81 24.73 23.85 19.56
N ARG D 82 25.66 23.03 19.07
CA ARG D 82 26.26 23.26 17.76
C ARG D 82 26.50 21.91 17.09
N VAL D 83 25.61 21.55 16.17
CA VAL D 83 25.61 20.29 15.47
C VAL D 83 26.83 20.13 14.54
N GLU D 84 27.48 18.97 14.63
CA GLU D 84 28.63 18.58 13.80
C GLU D 84 28.23 17.34 13.00
N SER D 85 29.01 16.98 11.97
CA SER D 85 28.73 15.80 11.12
C SER D 85 28.74 14.49 11.91
N GLU D 86 29.45 14.49 13.03
CA GLU D 86 29.53 13.33 13.92
C GLU D 86 28.23 13.07 14.68
N ASP D 87 27.44 14.13 14.89
CA ASP D 87 26.17 14.07 15.61
C ASP D 87 25.03 13.40 14.84
N LEU D 88 25.23 13.21 13.53
CA LEU D 88 24.22 12.61 12.66
C LEU D 88 24.02 11.12 12.94
N GLY D 89 22.76 10.70 12.98
CA GLY D 89 22.35 9.34 13.33
C GLY D 89 21.01 9.35 14.05
N ILE D 90 20.70 8.26 14.73
CA ILE D 90 19.43 8.14 15.46
C ILE D 90 19.64 8.32 16.97
N TYR D 91 18.85 9.23 17.55
CA TYR D 91 18.85 9.58 18.98
C TYR D 91 17.70 8.86 19.69
N TYR D 92 17.99 8.14 20.76
CA TYR D 92 16.95 7.44 21.53
C TYR D 92 16.89 7.91 22.97
N CYS D 93 15.69 8.22 23.48
CA CYS D 93 15.56 8.43 24.91
C CYS D 93 15.29 7.05 25.46
N SER D 94 15.70 6.83 26.71
CA SER D 94 15.60 5.53 27.35
C SER D 94 15.27 5.73 28.83
N GLN D 95 14.35 4.93 29.35
CA GLN D 95 14.05 4.91 30.80
C GLN D 95 14.46 3.57 31.39
N THR D 96 15.01 3.61 32.59
CA THR D 96 15.43 2.42 33.36
C THR D 96 14.99 2.54 34.83
N THR D 97 14.03 3.43 35.09
CA THR D 97 13.44 3.63 36.42
C THR D 97 12.57 2.43 36.77
N HIS D 98 11.76 2.02 35.79
CA HIS D 98 10.80 0.92 35.88
C HIS D 98 11.21 -0.21 34.97
N VAL D 99 11.14 -1.44 35.46
CA VAL D 99 11.28 -2.62 34.59
C VAL D 99 9.89 -2.92 34.06
N PRO D 100 9.75 -3.17 32.73
CA PRO D 100 10.83 -3.29 31.75
C PRO D 100 11.44 -1.98 31.33
N TYR D 101 12.76 -1.95 31.14
CA TYR D 101 13.40 -0.77 30.58
C TYR D 101 12.84 -0.60 29.18
N THR D 102 12.53 0.62 28.80
CA THR D 102 12.02 0.91 27.46
C THR D 102 12.74 2.08 26.80
N PHE D 103 12.67 2.09 25.48
CA PHE D 103 13.29 3.07 24.61
C PHE D 103 12.24 3.79 23.77
N GLY D 104 12.55 5.03 23.37
CA GLY D 104 11.70 5.75 22.42
C GLY D 104 11.94 5.20 21.02
N GLY D 105 11.11 5.62 20.06
CA GLY D 105 11.21 5.14 18.68
C GLY D 105 12.43 5.61 17.90
N GLY D 106 13.09 6.63 18.43
CA GLY D 106 14.25 7.24 17.80
C GLY D 106 13.88 8.51 17.02
N THR D 107 14.82 9.44 16.96
CA THR D 107 14.73 10.66 16.19
C THR D 107 15.96 10.70 15.27
N LYS D 108 15.74 10.80 13.96
CA LYS D 108 16.84 10.87 13.01
C LYS D 108 17.30 12.31 12.86
N LEU D 109 18.58 12.56 13.15
CA LEU D 109 19.15 13.89 12.91
C LEU D 109 19.77 13.82 11.52
N GLU D 110 19.19 14.58 10.59
CA GLU D 110 19.54 14.57 9.16
C GLU D 110 19.95 15.94 8.62
N ILE D 111 20.47 15.99 7.40
CA ILE D 111 20.94 17.24 6.82
C ILE D 111 19.83 17.88 6.00
N LYS D 112 19.68 19.19 6.17
CA LYS D 112 18.56 19.93 5.58
C LYS D 112 18.99 20.56 4.24
N ARG D 113 18.05 20.64 3.32
CA ARG D 113 18.35 20.89 1.92
C ARG D 113 17.24 21.71 1.28
N ALA D 114 17.49 22.15 0.04
CA ALA D 114 16.43 22.68 -0.83
C ALA D 114 15.51 21.55 -1.28
N ASP D 115 14.23 21.89 -1.48
CA ASP D 115 13.25 20.92 -1.96
C ASP D 115 13.58 20.46 -3.37
N ALA D 116 13.36 19.19 -3.63
CA ALA D 116 13.66 18.60 -4.91
C ALA D 116 12.56 17.62 -5.20
N ALA D 117 11.97 17.79 -6.38
CA ALA D 117 10.91 16.94 -6.90
C ALA D 117 11.52 15.60 -7.28
N PRO D 118 10.81 14.48 -7.07
CA PRO D 118 11.39 13.21 -7.48
C PRO D 118 11.43 13.04 -8.99
N THR D 119 12.44 12.32 -9.48
CA THR D 119 12.53 11.93 -10.88
C THR D 119 11.90 10.53 -10.95
N VAL D 120 10.73 10.44 -11.59
CA VAL D 120 9.96 9.20 -11.64
C VAL D 120 10.15 8.47 -12.97
N SER D 121 10.47 7.18 -12.89
CA SER D 121 10.67 6.29 -14.05
C SER D 121 9.89 4.98 -13.84
N ILE D 122 9.13 4.57 -14.85
CA ILE D 122 8.35 3.30 -14.79
C ILE D 122 8.98 2.28 -15.76
N PHE D 123 9.03 1.02 -15.33
CA PHE D 123 9.64 -0.09 -16.09
C PHE D 123 8.71 -1.31 -16.23
N PRO D 124 8.22 -1.58 -17.45
CA PRO D 124 7.39 -2.76 -17.66
C PRO D 124 8.24 -4.03 -17.44
N PRO D 125 7.60 -5.18 -17.17
CA PRO D 125 8.36 -6.44 -17.05
C PRO D 125 9.33 -6.67 -18.21
N SER D 126 10.50 -7.19 -17.89
CA SER D 126 11.47 -7.54 -18.91
C SER D 126 10.95 -8.76 -19.64
N SER D 127 11.26 -8.87 -20.93
CA SER D 127 10.89 -10.04 -21.71
C SER D 127 11.42 -11.34 -21.07
N GLU D 128 12.60 -11.26 -20.44
CA GLU D 128 13.25 -12.38 -19.74
C GLU D 128 12.39 -12.88 -18.58
N GLN D 129 11.86 -11.95 -17.78
CA GLN D 129 10.96 -12.31 -16.67
C GLN D 129 9.68 -12.92 -17.24
N LEU D 130 9.10 -12.33 -18.28
CA LEU D 130 7.90 -12.88 -18.93
C LEU D 130 8.07 -14.32 -19.48
N THR D 131 9.27 -14.64 -19.97
CA THR D 131 9.63 -15.99 -20.37
C THR D 131 9.56 -16.97 -19.17
N SER D 132 9.90 -16.49 -17.98
CA SER D 132 9.91 -17.29 -16.75
C SER D 132 8.55 -17.40 -16.02
N GLY D 133 7.51 -16.72 -16.52
CA GLY D 133 6.17 -16.79 -15.91
C GLY D 133 5.87 -15.72 -14.86
N GLY D 134 6.84 -14.83 -14.63
CA GLY D 134 6.68 -13.73 -13.69
C GLY D 134 6.49 -12.43 -14.42
N ALA D 135 6.09 -11.40 -13.68
CA ALA D 135 5.93 -10.04 -14.20
C ALA D 135 5.96 -9.04 -13.05
N SER D 136 7.03 -8.25 -12.98
CA SER D 136 7.18 -7.18 -12.00
C SER D 136 7.26 -5.85 -12.76
N VAL D 137 6.53 -4.84 -12.27
CA VAL D 137 6.59 -3.49 -12.83
C VAL D 137 7.32 -2.65 -11.80
N VAL D 138 8.39 -1.97 -12.22
CA VAL D 138 9.26 -1.26 -11.30
C VAL D 138 9.17 0.22 -11.52
N CYS D 139 9.07 0.93 -10.39
CA CYS D 139 9.04 2.37 -10.35
C CYS D 139 10.15 2.94 -9.51
N PHE D 140 10.94 3.84 -10.09
CA PHE D 140 11.99 4.54 -9.35
C PHE D 140 11.57 6.01 -9.13
N LEU D 141 11.71 6.47 -7.88
CA LEU D 141 11.40 7.82 -7.45
C LEU D 141 12.71 8.37 -6.80
N ASN D 142 13.59 8.93 -7.65
CA ASN D 142 14.93 9.35 -7.24
C ASN D 142 15.16 10.85 -6.99
N ASN D 143 16.13 11.10 -6.11
CA ASN D 143 16.65 12.43 -5.76
C ASN D 143 15.61 13.48 -5.38
N PHE D 144 14.79 13.14 -4.40
CA PHE D 144 13.76 14.01 -3.87
C PHE D 144 14.09 14.45 -2.45
N TYR D 145 13.53 15.58 -2.06
CA TYR D 145 13.65 16.13 -0.72
C TYR D 145 12.43 17.04 -0.48
N PRO D 146 11.79 16.99 0.71
CA PRO D 146 12.13 16.21 1.91
C PRO D 146 11.76 14.73 1.79
N LYS D 147 12.25 13.90 2.73
CA LYS D 147 12.05 12.45 2.67
C LYS D 147 10.61 11.97 2.47
N ASP D 148 9.63 12.65 3.05
CA ASP D 148 8.22 12.22 2.99
C ASP D 148 7.65 12.19 1.57
N ILE D 149 7.15 11.03 1.17
CA ILE D 149 6.58 10.80 -0.16
C ILE D 149 5.57 9.66 -0.09
N ASN D 150 4.55 9.69 -0.94
CA ASN D 150 3.63 8.56 -1.10
C ASN D 150 3.57 8.08 -2.55
N VAL D 151 3.69 6.77 -2.74
CA VAL D 151 3.59 6.17 -4.07
C VAL D 151 2.30 5.37 -4.19
N LYS D 152 1.73 5.35 -5.38
CA LYS D 152 0.40 4.79 -5.59
C LYS D 152 0.34 4.08 -6.93
N TRP D 153 -0.03 2.81 -6.89
CA TRP D 153 -0.13 1.99 -8.09
C TRP D 153 -1.58 1.88 -8.54
N LYS D 154 -1.84 2.12 -9.82
CA LYS D 154 -3.16 1.97 -10.42
C LYS D 154 -3.09 1.04 -11.65
N ILE D 155 -3.96 0.03 -11.66
CA ILE D 155 -4.05 -0.94 -12.73
C ILE D 155 -5.45 -0.83 -13.27
N ASP D 156 -5.58 -0.33 -14.50
CA ASP D 156 -6.88 -0.17 -15.19
C ASP D 156 -7.88 0.67 -14.38
N GLY D 157 -7.39 1.76 -13.79
CA GLY D 157 -8.23 2.66 -12.99
C GLY D 157 -8.30 2.35 -11.50
N SER D 158 -8.20 1.06 -11.13
CA SER D 158 -8.31 0.65 -9.72
C SER D 158 -6.96 0.66 -8.98
N GLU D 159 -6.96 1.23 -7.77
CA GLU D 159 -5.76 1.33 -6.93
C GLU D 159 -5.30 -0.04 -6.46
N ARG D 160 -3.99 -0.32 -6.51
CA ARG D 160 -3.47 -1.61 -6.05
C ARG D 160 -2.63 -1.60 -4.78
N GLN D 161 -2.95 -2.51 -3.85
CA GLN D 161 -2.21 -2.68 -2.59
C GLN D 161 -1.35 -3.96 -2.52
N ASN D 162 -1.92 -5.07 -2.98
CA ASN D 162 -1.27 -6.39 -2.98
C ASN D 162 -0.09 -6.44 -3.95
N GLY D 163 1.00 -7.08 -3.53
CA GLY D 163 2.18 -7.26 -4.36
C GLY D 163 2.99 -6.00 -4.61
N VAL D 164 2.94 -5.05 -3.66
CA VAL D 164 3.71 -3.81 -3.76
C VAL D 164 4.84 -3.82 -2.74
N LEU D 165 6.07 -3.80 -3.24
CA LEU D 165 7.29 -3.87 -2.43
C LEU D 165 8.01 -2.51 -2.54
N ASN D 166 8.05 -1.77 -1.43
CA ASN D 166 8.73 -0.47 -1.38
C ASN D 166 10.06 -0.56 -0.64
N SER D 167 11.04 0.18 -1.14
CA SER D 167 12.36 0.29 -0.53
C SER D 167 12.88 1.72 -0.64
N TRP D 168 13.57 2.16 0.41
CA TRP D 168 14.04 3.52 0.58
C TRP D 168 15.52 3.59 0.87
N THR D 169 16.24 4.50 0.21
CA THR D 169 17.64 4.74 0.55
C THR D 169 17.71 5.69 1.73
N ASP D 170 18.84 5.71 2.39
CA ASP D 170 19.14 6.65 3.46
C ASP D 170 19.50 7.95 2.74
N GLN D 171 19.50 9.07 3.46
CA GLN D 171 19.92 10.36 2.90
C GLN D 171 21.27 10.19 2.19
N ASP D 172 21.34 10.55 0.90
CA ASP D 172 22.58 10.51 0.12
C ASP D 172 23.66 11.36 0.79
N SER D 173 24.90 10.86 0.78
CA SER D 173 26.06 11.53 1.39
C SER D 173 26.49 12.80 0.65
N LYS D 174 26.35 12.80 -0.69
CA LYS D 174 26.80 13.90 -1.52
C LYS D 174 25.75 15.01 -1.71
N ASP D 175 24.55 14.68 -2.20
CA ASP D 175 23.51 15.69 -2.48
C ASP D 175 22.40 15.85 -1.39
N SER D 176 22.49 15.06 -0.32
CA SER D 176 21.54 15.04 0.81
C SER D 176 20.06 14.70 0.45
N THR D 177 19.82 14.09 -0.73
CA THR D 177 18.47 13.73 -1.19
C THR D 177 18.10 12.29 -0.83
N TYR D 178 16.86 11.92 -1.16
CA TYR D 178 16.33 10.59 -0.96
C TYR D 178 15.85 9.99 -2.25
N SER D 179 15.85 8.67 -2.26
CA SER D 179 15.38 7.90 -3.38
C SER D 179 14.54 6.74 -2.87
N MET D 180 13.67 6.26 -3.76
CA MET D 180 12.72 5.23 -3.43
C MET D 180 12.44 4.35 -4.62
N SER D 181 12.29 3.06 -4.38
CA SER D 181 11.90 2.09 -5.37
C SER D 181 10.56 1.48 -4.96
N SER D 182 9.69 1.26 -5.93
CA SER D 182 8.40 0.63 -5.71
C SER D 182 8.18 -0.40 -6.80
N THR D 183 8.00 -1.65 -6.41
CA THR D 183 7.82 -2.74 -7.34
C THR D 183 6.46 -3.38 -7.14
N LEU D 184 5.71 -3.52 -8.23
CA LEU D 184 4.42 -4.17 -8.31
C LEU D 184 4.66 -5.56 -8.88
N THR D 185 4.44 -6.60 -8.06
CA THR D 185 4.67 -7.99 -8.50
C THR D 185 3.35 -8.69 -8.83
N LEU D 186 3.32 -9.33 -10.01
CA LEU D 186 2.16 -10.04 -10.53
C LEU D 186 2.59 -11.35 -11.17
N THR D 187 1.62 -12.23 -11.41
CA THR D 187 1.86 -13.40 -12.22
C THR D 187 1.76 -12.86 -13.66
N LYS D 188 2.46 -13.51 -14.60
CA LYS D 188 2.39 -13.14 -16.02
C LYS D 188 0.93 -13.19 -16.51
N ASP D 189 0.18 -14.19 -16.05
CA ASP D 189 -1.24 -14.36 -16.42
C ASP D 189 -2.12 -13.17 -16.02
N GLU D 190 -1.90 -12.61 -14.83
CA GLU D 190 -2.66 -11.44 -14.39
C GLU D 190 -2.21 -10.19 -15.17
N TYR D 191 -0.90 -10.08 -15.40
CA TYR D 191 -0.33 -8.93 -16.09
C TYR D 191 -0.87 -8.84 -17.51
N GLU D 192 -0.99 -10.00 -18.15
CA GLU D 192 -1.49 -10.10 -19.53
C GLU D 192 -3.01 -9.83 -19.62
N ARG D 193 -3.67 -9.78 -18.47
CA ARG D 193 -5.10 -9.54 -18.40
C ARG D 193 -5.43 -8.11 -18.00
N HIS D 194 -4.41 -7.26 -17.93
CA HIS D 194 -4.64 -5.84 -17.70
C HIS D 194 -3.87 -4.99 -18.71
N ASN D 195 -4.27 -3.74 -18.87
CA ASN D 195 -3.71 -2.89 -19.91
C ASN D 195 -2.95 -1.67 -19.36
N SER D 196 -3.56 -0.96 -18.42
CA SER D 196 -3.01 0.30 -17.94
C SER D 196 -2.28 0.11 -16.60
N TYR D 197 -1.00 0.49 -16.58
CA TYR D 197 -0.17 0.38 -15.38
C TYR D 197 0.39 1.74 -15.03
N THR D 198 0.05 2.23 -13.85
CA THR D 198 0.40 3.59 -13.44
C THR D 198 1.05 3.66 -12.07
N CYS D 199 2.05 4.54 -11.96
CA CYS D 199 2.82 4.83 -10.77
C CYS D 199 2.65 6.35 -10.46
N GLU D 200 2.06 6.68 -9.31
CA GLU D 200 1.79 8.07 -8.90
C GLU D 200 2.59 8.44 -7.66
N ALA D 201 3.33 9.54 -7.71
CA ALA D 201 4.06 10.07 -6.55
C ALA D 201 3.44 11.39 -6.02
N THR D 202 3.14 11.44 -4.73
CA THR D 202 2.66 12.63 -4.03
C THR D 202 3.81 13.14 -3.15
N HIS D 203 4.26 14.35 -3.43
CA HIS D 203 5.40 14.97 -2.75
C HIS D 203 5.09 16.47 -2.61
N LYS D 204 5.54 17.09 -1.51
CA LYS D 204 5.23 18.51 -1.21
C LYS D 204 5.72 19.50 -2.29
N THR D 205 6.59 19.04 -3.21
CA THR D 205 7.10 19.86 -4.30
C THR D 205 6.08 20.19 -5.42
N SER D 206 4.94 19.50 -5.43
CA SER D 206 3.90 19.74 -6.42
C SER D 206 2.53 19.51 -5.79
N THR D 207 1.53 20.26 -6.23
CA THR D 207 0.17 20.10 -5.72
C THR D 207 -0.61 19.01 -6.47
N SER D 208 -0.03 18.53 -7.58
CA SER D 208 -0.58 17.42 -8.35
C SER D 208 0.46 16.31 -8.41
N PRO D 209 0.05 15.04 -8.36
CA PRO D 209 1.04 13.96 -8.37
C PRO D 209 1.81 13.83 -9.70
N ILE D 210 3.02 13.28 -9.60
CA ILE D 210 3.82 12.92 -10.78
C ILE D 210 3.32 11.54 -11.16
N VAL D 211 2.90 11.39 -12.41
CA VAL D 211 2.29 10.16 -12.91
C VAL D 211 3.10 9.58 -14.07
N LYS D 212 3.68 8.40 -13.86
CA LYS D 212 4.32 7.66 -14.94
C LYS D 212 3.48 6.43 -15.26
N SER D 213 3.14 6.28 -16.55
CA SER D 213 2.22 5.26 -17.07
C SER D 213 2.75 4.55 -18.30
N PHE D 214 2.16 3.39 -18.60
CA PHE D 214 2.35 2.65 -19.85
C PHE D 214 1.16 1.75 -20.10
N ASN D 215 0.96 1.39 -21.37
CA ASN D 215 -0.07 0.45 -21.78
C ASN D 215 0.61 -0.76 -22.36
N ARG D 216 0.20 -1.95 -21.88
CA ARG D 216 0.84 -3.22 -22.25
C ARG D 216 0.69 -3.44 -23.76
N ASN D 217 1.80 -3.80 -24.41
CA ASN D 217 1.93 -3.93 -25.87
C ASN D 217 1.50 -2.67 -26.64
N GLU D 218 1.68 -1.49 -26.03
CA GLU D 218 1.24 -0.17 -26.54
C GLU D 218 -0.24 -0.12 -27.04
N THR E 3 21.20 -5.07 42.29
CA THR E 3 21.21 -5.70 40.99
C THR E 3 21.88 -4.84 39.94
N CYS E 4 21.35 -3.64 39.74
CA CYS E 4 21.84 -2.69 38.77
C CYS E 4 22.68 -1.61 39.41
N TYR E 5 23.96 -1.59 39.03
CA TYR E 5 24.98 -0.70 39.57
C TYR E 5 25.00 0.74 39.08
N PHE E 6 24.75 0.94 37.80
CA PHE E 6 24.80 2.26 37.17
C PHE E 6 23.43 2.71 36.70
N ILE E 7 23.04 2.38 35.45
CA ILE E 7 21.75 2.75 34.91
C ILE E 7 20.94 1.51 34.54
N MET E 8 21.58 0.35 34.41
CA MET E 8 20.88 -0.87 34.12
C MET E 8 21.03 -1.81 35.29
N SER F 2 -23.17 -6.04 -44.82
CA SER F 2 -22.53 -5.25 -43.78
C SER F 2 -22.75 -5.80 -42.38
N THR F 3 -21.71 -6.39 -41.79
CA THR F 3 -21.75 -6.97 -40.44
C THR F 3 -22.19 -6.03 -39.35
N CYS F 4 -21.61 -4.83 -39.32
CA CYS F 4 -21.91 -3.78 -38.35
C CYS F 4 -22.70 -2.72 -39.07
N TYR F 5 -23.99 -2.59 -38.72
CA TYR F 5 -24.93 -1.68 -39.36
C TYR F 5 -24.88 -0.22 -39.00
N PHE F 6 -24.69 0.08 -37.71
CA PHE F 6 -24.67 1.45 -37.19
C PHE F 6 -23.31 1.87 -36.74
N ILE F 7 -22.95 1.63 -35.48
CA ILE F 7 -21.63 1.98 -34.95
C ILE F 7 -20.86 0.76 -34.49
N MET F 8 -21.52 -0.37 -34.27
CA MET F 8 -20.82 -1.59 -33.90
C MET F 8 -20.95 -2.62 -35.02
#